data_1NTT
# 
_entry.id   1NTT 
# 
_audit_conform.dict_name       mmcif_pdbx.dic 
_audit_conform.dict_version    5.391 
_audit_conform.dict_location   http://mmcif.pdb.org/dictionaries/ascii/mmcif_pdbx.dic 
# 
loop_
_database_2.database_id 
_database_2.database_code 
_database_2.pdbx_database_accession 
_database_2.pdbx_DOI 
PDB   1NTT         pdb_00001ntt 10.2210/pdb1ntt/pdb 
RCSB  RCSB018196   ?            ?                   
WWPDB D_1000018196 ?            ?                   
# 
loop_
_pdbx_audit_revision_history.ordinal 
_pdbx_audit_revision_history.data_content_type 
_pdbx_audit_revision_history.major_revision 
_pdbx_audit_revision_history.minor_revision 
_pdbx_audit_revision_history.revision_date 
1 'Structure model' 1 0 2003-06-10 
2 'Structure model' 1 1 2008-04-29 
3 'Structure model' 1 2 2011-07-13 
4 'Structure model' 2 0 2021-07-28 
5 'Structure model' 2 1 2024-05-01 
# 
_pdbx_audit_revision_details.ordinal             1 
_pdbx_audit_revision_details.revision_ordinal    1 
_pdbx_audit_revision_details.data_content_type   'Structure model' 
_pdbx_audit_revision_details.provider            repository 
_pdbx_audit_revision_details.type                'Initial release' 
_pdbx_audit_revision_details.description         ? 
_pdbx_audit_revision_details.details             ? 
# 
loop_
_pdbx_audit_revision_group.ordinal 
_pdbx_audit_revision_group.revision_ordinal 
_pdbx_audit_revision_group.data_content_type 
_pdbx_audit_revision_group.group 
1  2 'Structure model' 'Version format compliance' 
2  3 'Structure model' 'Version format compliance' 
3  4 'Structure model' 'Atomic model'              
4  4 'Structure model' 'Data collection'           
5  4 'Structure model' 'Derived calculations'      
6  4 'Structure model' 'Non-polymer description'   
7  4 'Structure model' 'Polymer sequence'          
8  4 'Structure model' 'Structure summary'         
9  5 'Structure model' 'Data collection'           
10 5 'Structure model' 'Database references'       
# 
loop_
_pdbx_audit_revision_category.ordinal 
_pdbx_audit_revision_category.revision_ordinal 
_pdbx_audit_revision_category.data_content_type 
_pdbx_audit_revision_category.category 
1  4 'Structure model' atom_site             
2  4 'Structure model' chem_comp             
3  4 'Structure model' entity                
4  4 'Structure model' entity_poly           
5  4 'Structure model' pdbx_nmr_software     
6  4 'Structure model' pdbx_struct_assembly  
7  4 'Structure model' pdbx_struct_oper_list 
8  4 'Structure model' struct_conn           
9  5 'Structure model' chem_comp_atom        
10 5 'Structure model' chem_comp_bond        
11 5 'Structure model' database_2            
# 
loop_
_pdbx_audit_revision_item.ordinal 
_pdbx_audit_revision_item.revision_ordinal 
_pdbx_audit_revision_item.data_content_type 
_pdbx_audit_revision_item.item 
1  4 'Structure model' '_atom_site.Cartn_x'                        
2  4 'Structure model' '_atom_site.Cartn_y'                        
3  4 'Structure model' '_atom_site.Cartn_z'                        
4  4 'Structure model' '_atom_site.auth_atom_id'                   
5  4 'Structure model' '_atom_site.label_atom_id'                  
6  4 'Structure model' '_chem_comp.formula'                        
7  4 'Structure model' '_chem_comp.formula_weight'                 
8  4 'Structure model' '_chem_comp.mon_nstd_flag'                  
9  4 'Structure model' '_entity.formula_weight'                    
10 4 'Structure model' '_entity_poly.pdbx_seq_one_letter_code_can' 
11 4 'Structure model' '_pdbx_nmr_software.name'                   
12 4 'Structure model' '_struct_conn.pdbx_leaving_atom_flag'       
13 5 'Structure model' '_database_2.pdbx_DOI'                      
14 5 'Structure model' '_database_2.pdbx_database_accession'       
# 
_pdbx_database_status.status_code                     REL 
_pdbx_database_status.entry_id                        1NTT 
_pdbx_database_status.recvd_initial_deposition_date   2003-01-30 
_pdbx_database_status.deposit_site                    RCSB 
_pdbx_database_status.process_site                    RCSB 
_pdbx_database_status.status_code_mr                  REL 
_pdbx_database_status.SG_entry                        . 
_pdbx_database_status.pdb_format_compatible           Y 
_pdbx_database_status.status_code_sf                  ? 
_pdbx_database_status.status_code_cs                  ? 
_pdbx_database_status.status_code_nmr_data            ? 
_pdbx_database_status.methods_development_category    ? 
# 
loop_
_pdbx_database_related.db_name 
_pdbx_database_related.db_id 
_pdbx_database_related.details 
_pdbx_database_related.content_type 
PDB 1NTQ 'DNA:RNA hybrid with same sequence'                        unspecified 
PDB 1NTS 'DNA:RNA hybrid with propynylated bases 1-7 in DNA strand' unspecified 
# 
loop_
_audit_author.name 
_audit_author.pdbx_ordinal 
'Znosko, B.M.'     1 
'Barnes III, T.W.' 2 
'Krugh, T.R.'      3 
'Turner, D.H.'     4 
# 
loop_
_citation.id 
_citation.title 
_citation.journal_abbrev 
_citation.journal_volume 
_citation.page_first 
_citation.page_last 
_citation.year 
_citation.journal_id_ASTM 
_citation.country 
_citation.journal_id_ISSN 
_citation.journal_id_CSD 
_citation.book_publisher 
_citation.pdbx_database_id_PubMed 
_citation.pdbx_database_id_DOI 
primary 'NMR Studies of DNA Single Strands and DNA:RNA Hybrids With and Without 1-Propynylation at C5 of Oligopyrimidines' 
J.Am.Chem.Soc. 125 6090 6097 2003 JACSAT US 0002-7863 0004 ? 12785839 10.1021/ja021285d 
1       
'Long-Range Cooperativity in Molecular Recognition of RNA by Oligodeoxynucleotides with Multiple C5-(1-Propynyl) Pyrimidines' 
J.Am.Chem.Soc. 123 4107 4118 2001 JACSAT US 0002-7863 0004 ? ?        10.1021/ja003208t 
# 
loop_
_citation_author.citation_id 
_citation_author.name 
_citation_author.ordinal 
_citation_author.identifier_ORCID 
primary 'Znosko, B.M.'     1 ? 
primary 'Barnes III, T.W.' 2 ? 
primary 'Krugh, T.R.'      3 ? 
primary 'Turner, D.H.'     4 ? 
1       'Barnes III, T.W.' 5 ? 
1       'Turner, D.H.'     6 ? 
# 
loop_
_entity.id 
_entity.type 
_entity.src_method 
_entity.pdbx_description 
_entity.formula_weight 
_entity.pdbx_number_of_molecules 
_entity.pdbx_ec 
_entity.pdbx_mutation 
_entity.pdbx_fragment 
_entity.details 
1 polymer syn "5'-R(*AP*AP*AP*GP*GP*AP*GP*GP*A)-3'"                   2981.895 1 ? ? ? ? 
2 polymer syn "5'-D(*CP*(5PC)P*(PDU)P*(5PC)P*(5PC)P*(PDU)P*(PDU))-3'" 2210.558 1 ? ? ? ? 
# 
loop_
_entity_poly.entity_id 
_entity_poly.type 
_entity_poly.nstd_linkage 
_entity_poly.nstd_monomer 
_entity_poly.pdbx_seq_one_letter_code 
_entity_poly.pdbx_seq_one_letter_code_can 
_entity_poly.pdbx_strand_id 
_entity_poly.pdbx_target_identifier 
1 polyribonucleotide      no no  AAAGGAGGA                            AAAGGAGGA A ? 
2 polydeoxyribonucleotide no yes '(DC)(5PC)(PDU)(5PC)(5PC)(PDU)(PDU)' CCXCCXX   B ? 
# 
loop_
_entity_poly_seq.entity_id 
_entity_poly_seq.num 
_entity_poly_seq.mon_id 
_entity_poly_seq.hetero 
1 1 A   n 
1 2 A   n 
1 3 A   n 
1 4 G   n 
1 5 G   n 
1 6 A   n 
1 7 G   n 
1 8 G   n 
1 9 A   n 
2 1 DC  n 
2 2 5PC n 
2 3 PDU n 
2 4 5PC n 
2 5 5PC n 
2 6 PDU n 
2 7 PDU n 
# 
loop_
_chem_comp.id 
_chem_comp.type 
_chem_comp.mon_nstd_flag 
_chem_comp.name 
_chem_comp.pdbx_synonyms 
_chem_comp.formula 
_chem_comp.formula_weight 
5PC 'DNA linking' n "5(1-PROPYNYL)-2'-DEOXYCYTIDINE-5'-MONOPHOSPHATE" ? 'C12 H16 N3 O7 P' 345.245 
A   'RNA linking' y "ADENOSINE-5'-MONOPHOSPHATE"                      ? 'C10 H14 N5 O7 P' 347.221 
DC  'DNA linking' y "2'-DEOXYCYTIDINE-5'-MONOPHOSPHATE"               ? 'C9 H14 N3 O7 P'  307.197 
G   'RNA linking' y "GUANOSINE-5'-MONOPHOSPHATE"                      ? 'C10 H14 N5 O8 P' 363.221 
PDU 'DNA linking' . "5(1-PROPYNYL)-2'-DEOXYURIDINE-5-MONOPHOSPHATE"   ? 'C12 H15 N2 O8 P' 346.230 
# 
loop_
_pdbx_poly_seq_scheme.asym_id 
_pdbx_poly_seq_scheme.entity_id 
_pdbx_poly_seq_scheme.seq_id 
_pdbx_poly_seq_scheme.mon_id 
_pdbx_poly_seq_scheme.ndb_seq_num 
_pdbx_poly_seq_scheme.pdb_seq_num 
_pdbx_poly_seq_scheme.auth_seq_num 
_pdbx_poly_seq_scheme.pdb_mon_id 
_pdbx_poly_seq_scheme.auth_mon_id 
_pdbx_poly_seq_scheme.pdb_strand_id 
_pdbx_poly_seq_scheme.pdb_ins_code 
_pdbx_poly_seq_scheme.hetero 
A 1 1 A   1 2  2  A   A   A . n 
A 1 2 A   2 3  3  A   A   A . n 
A 1 3 A   3 4  4  A   A   A . n 
A 1 4 G   4 5  5  G   G   A . n 
A 1 5 G   5 6  6  G   G   A . n 
A 1 6 A   6 7  7  A   A   A . n 
A 1 7 G   7 8  8  G   G   A . n 
A 1 8 G   8 9  9  G   G   A . n 
A 1 9 A   9 10 10 A   A   A . n 
B 2 1 DC  1 1  1  DC  C   B . n 
B 2 2 5PC 2 2  2  5PC 5PC B . n 
B 2 3 PDU 3 3  3  PDU PDU B . n 
B 2 4 5PC 4 4  4  5PC 5PC B . n 
B 2 5 5PC 5 5  5  5PC 5PC B . n 
B 2 6 PDU 6 6  6  PDU PDU B . n 
B 2 7 PDU 7 7  7  PDU PDU B . n 
# 
_exptl.entry_id          1NTT 
_exptl.method            'SOLUTION NMR' 
_exptl.crystals_number   ? 
# 
_exptl_crystal.id                    1 
_exptl_crystal.density_meas          ? 
_exptl_crystal.density_Matthews      ? 
_exptl_crystal.density_percent_sol   ? 
_exptl_crystal.description           ? 
# 
_diffrn.id                     1 
_diffrn.ambient_temp           ? 
_diffrn.ambient_temp_details   ? 
_diffrn.crystal_id             1 
# 
_diffrn_radiation.diffrn_id                        1 
_diffrn_radiation.wavelength_id                    1 
_diffrn_radiation.pdbx_monochromatic_or_laue_m_l   M 
_diffrn_radiation.monochromator                    ? 
_diffrn_radiation.pdbx_diffrn_protocol             'SINGLE WAVELENGTH' 
_diffrn_radiation.pdbx_scattering_type             ? 
# 
_diffrn_radiation_wavelength.id           1 
_diffrn_radiation_wavelength.wavelength   . 
_diffrn_radiation_wavelength.wt           1.0 
# 
_struct.entry_id                  1NTT 
_struct.title                     
;5'(dCPCPUPCPCPUPUP)3':(rAGGAGGAAA)5', where P=propynyl
;
_struct.pdbx_model_details        ? 
_struct.pdbx_CASP_flag            ? 
_struct.pdbx_model_type_details   'minimized average' 
# 
_struct_keywords.entry_id        1NTT 
_struct_keywords.pdbx_keywords   RNA/DNA 
_struct_keywords.text            'DNA, RNA, hybrid, propynyl, RNA-DNA COMPLEX' 
# 
loop_
_struct_asym.id 
_struct_asym.pdbx_blank_PDB_chainid_flag 
_struct_asym.pdbx_modified 
_struct_asym.entity_id 
_struct_asym.details 
A N N 1 ? 
B N N 2 ? 
# 
loop_
_struct_ref.id 
_struct_ref.entity_id 
_struct_ref.db_name 
_struct_ref.db_code 
_struct_ref.pdbx_db_accession 
_struct_ref.pdbx_db_isoform 
_struct_ref.pdbx_seq_one_letter_code 
_struct_ref.pdbx_align_begin 
1 1 PDB 1NTT 1NTT ? ? ? 
2 2 PDB 1NTT 1NTT ? ? ? 
# 
loop_
_struct_ref_seq.align_id 
_struct_ref_seq.ref_id 
_struct_ref_seq.pdbx_PDB_id_code 
_struct_ref_seq.pdbx_strand_id 
_struct_ref_seq.seq_align_beg 
_struct_ref_seq.pdbx_seq_align_beg_ins_code 
_struct_ref_seq.seq_align_end 
_struct_ref_seq.pdbx_seq_align_end_ins_code 
_struct_ref_seq.pdbx_db_accession 
_struct_ref_seq.db_align_beg 
_struct_ref_seq.pdbx_db_align_beg_ins_code 
_struct_ref_seq.db_align_end 
_struct_ref_seq.pdbx_db_align_end_ins_code 
_struct_ref_seq.pdbx_auth_seq_align_beg 
_struct_ref_seq.pdbx_auth_seq_align_end 
1 1 1NTT A 1 ? 9 ? 1NTT 2 ? 10 ? 2 10 
2 2 1NTT B 1 ? 7 ? 1NTT 1 ? 7  ? 1 7  
# 
_pdbx_struct_assembly.id                   1 
_pdbx_struct_assembly.details              author_defined_assembly 
_pdbx_struct_assembly.method_details       ? 
_pdbx_struct_assembly.oligomeric_details   dimeric 
_pdbx_struct_assembly.oligomeric_count     2 
# 
_pdbx_struct_assembly_gen.assembly_id       1 
_pdbx_struct_assembly_gen.oper_expression   1 
_pdbx_struct_assembly_gen.asym_id_list      A,B 
# 
_pdbx_struct_oper_list.id                   1 
_pdbx_struct_oper_list.type                 'identity operation' 
_pdbx_struct_oper_list.name                 1_555 
_pdbx_struct_oper_list.symmetry_operation   ? 
_pdbx_struct_oper_list.matrix[1][1]         1.0000000000 
_pdbx_struct_oper_list.matrix[1][2]         0.0000000000 
_pdbx_struct_oper_list.matrix[1][3]         0.0000000000 
_pdbx_struct_oper_list.vector[1]            0.0000000000 
_pdbx_struct_oper_list.matrix[2][1]         0.0000000000 
_pdbx_struct_oper_list.matrix[2][2]         1.0000000000 
_pdbx_struct_oper_list.matrix[2][3]         0.0000000000 
_pdbx_struct_oper_list.vector[2]            0.0000000000 
_pdbx_struct_oper_list.matrix[3][1]         0.0000000000 
_pdbx_struct_oper_list.matrix[3][2]         0.0000000000 
_pdbx_struct_oper_list.matrix[3][3]         1.0000000000 
_pdbx_struct_oper_list.vector[3]            0.0000000000 
# 
loop_
_struct_conn.id 
_struct_conn.conn_type_id 
_struct_conn.pdbx_leaving_atom_flag 
_struct_conn.pdbx_PDB_id 
_struct_conn.ptnr1_label_asym_id 
_struct_conn.ptnr1_label_comp_id 
_struct_conn.ptnr1_label_seq_id 
_struct_conn.ptnr1_label_atom_id 
_struct_conn.pdbx_ptnr1_label_alt_id 
_struct_conn.pdbx_ptnr1_PDB_ins_code 
_struct_conn.pdbx_ptnr1_standard_comp_id 
_struct_conn.ptnr1_symmetry 
_struct_conn.ptnr2_label_asym_id 
_struct_conn.ptnr2_label_comp_id 
_struct_conn.ptnr2_label_seq_id 
_struct_conn.ptnr2_label_atom_id 
_struct_conn.pdbx_ptnr2_label_alt_id 
_struct_conn.pdbx_ptnr2_PDB_ins_code 
_struct_conn.ptnr1_auth_asym_id 
_struct_conn.ptnr1_auth_comp_id 
_struct_conn.ptnr1_auth_seq_id 
_struct_conn.ptnr2_auth_asym_id 
_struct_conn.ptnr2_auth_comp_id 
_struct_conn.ptnr2_auth_seq_id 
_struct_conn.ptnr2_symmetry 
_struct_conn.pdbx_ptnr3_label_atom_id 
_struct_conn.pdbx_ptnr3_label_seq_id 
_struct_conn.pdbx_ptnr3_label_comp_id 
_struct_conn.pdbx_ptnr3_label_asym_id 
_struct_conn.pdbx_ptnr3_label_alt_id 
_struct_conn.pdbx_ptnr3_PDB_ins_code 
_struct_conn.details 
_struct_conn.pdbx_dist_value 
_struct_conn.pdbx_value_order 
_struct_conn.pdbx_role 
covale1  covale both ? B DC  1 "O3'" ? ? ? 1_555 B 5PC 2 P  ? ? B DC  1 B 5PC 2 1_555 ? ? ? ? ? ? ?            1.616 ? ? 
covale2  covale both ? B 5PC 2 "O3'" ? ? ? 1_555 B PDU 3 P  ? ? B 5PC 2 B PDU 3 1_555 ? ? ? ? ? ? ?            1.636 ? ? 
covale3  covale one  ? B PDU 3 "O3'" ? ? ? 1_555 B 5PC 4 P  ? ? B PDU 3 B 5PC 4 1_555 ? ? ? ? ? ? ?            1.631 ? ? 
covale4  covale both ? B 5PC 4 "O3'" ? ? ? 1_555 B 5PC 5 P  ? ? B 5PC 4 B 5PC 5 1_555 ? ? ? ? ? ? ?            1.623 ? ? 
covale5  covale both ? B 5PC 5 "O3'" ? ? ? 1_555 B PDU 6 P  ? ? B 5PC 5 B PDU 6 1_555 ? ? ? ? ? ? ?            1.627 ? ? 
covale6  covale one  ? B PDU 6 "O3'" ? ? ? 1_555 B PDU 7 P  ? ? B PDU 6 B PDU 7 1_555 ? ? ? ? ? ? ?            1.625 ? ? 
hydrog1  hydrog ?    ? A A   2 N1    ? ? ? 1_555 B PDU 7 N3 ? ? A A   3 B PDU 7 1_555 ? ? ? ? ? ? WATSON-CRICK ?     ? ? 
hydrog2  hydrog ?    ? A A   2 N6    ? ? ? 1_555 B PDU 7 O4 ? ? A A   3 B PDU 7 1_555 ? ? ? ? ? ? WATSON-CRICK ?     ? ? 
hydrog3  hydrog ?    ? A A   3 N1    ? ? ? 1_555 B PDU 6 N3 ? ? A A   4 B PDU 6 1_555 ? ? ? ? ? ? WATSON-CRICK ?     ? ? 
hydrog4  hydrog ?    ? A A   3 N6    ? ? ? 1_555 B PDU 6 O4 ? ? A A   4 B PDU 6 1_555 ? ? ? ? ? ? WATSON-CRICK ?     ? ? 
hydrog5  hydrog ?    ? A G   4 N1    ? ? ? 1_555 B 5PC 5 N3 ? ? A G   5 B 5PC 5 1_555 ? ? ? ? ? ? WATSON-CRICK ?     ? ? 
hydrog6  hydrog ?    ? A G   4 N2    ? ? ? 1_555 B 5PC 5 O2 ? ? A G   5 B 5PC 5 1_555 ? ? ? ? ? ? WATSON-CRICK ?     ? ? 
hydrog7  hydrog ?    ? A G   4 O6    ? ? ? 1_555 B 5PC 5 N4 ? ? A G   5 B 5PC 5 1_555 ? ? ? ? ? ? WATSON-CRICK ?     ? ? 
hydrog8  hydrog ?    ? A G   5 N1    ? ? ? 1_555 B 5PC 4 N3 ? ? A G   6 B 5PC 4 1_555 ? ? ? ? ? ? WATSON-CRICK ?     ? ? 
hydrog9  hydrog ?    ? A G   5 N2    ? ? ? 1_555 B 5PC 4 O2 ? ? A G   6 B 5PC 4 1_555 ? ? ? ? ? ? WATSON-CRICK ?     ? ? 
hydrog10 hydrog ?    ? A G   5 O6    ? ? ? 1_555 B 5PC 4 N4 ? ? A G   6 B 5PC 4 1_555 ? ? ? ? ? ? WATSON-CRICK ?     ? ? 
hydrog11 hydrog ?    ? A A   6 N1    ? ? ? 1_555 B PDU 3 N3 ? ? A A   7 B PDU 3 1_555 ? ? ? ? ? ? WATSON-CRICK ?     ? ? 
hydrog12 hydrog ?    ? A A   6 N6    ? ? ? 1_555 B PDU 3 O4 ? ? A A   7 B PDU 3 1_555 ? ? ? ? ? ? WATSON-CRICK ?     ? ? 
hydrog13 hydrog ?    ? A G   7 N1    ? ? ? 1_555 B 5PC 2 N3 ? ? A G   8 B 5PC 2 1_555 ? ? ? ? ? ? WATSON-CRICK ?     ? ? 
hydrog14 hydrog ?    ? A G   7 N2    ? ? ? 1_555 B 5PC 2 O2 ? ? A G   8 B 5PC 2 1_555 ? ? ? ? ? ? WATSON-CRICK ?     ? ? 
hydrog15 hydrog ?    ? A G   7 O6    ? ? ? 1_555 B 5PC 2 N4 ? ? A G   8 B 5PC 2 1_555 ? ? ? ? ? ? WATSON-CRICK ?     ? ? 
hydrog16 hydrog ?    ? A G   8 N1    ? ? ? 1_555 B DC  1 N3 ? ? A G   9 B DC  1 1_555 ? ? ? ? ? ? WATSON-CRICK ?     ? ? 
hydrog17 hydrog ?    ? A G   8 N2    ? ? ? 1_555 B DC  1 O2 ? ? A G   9 B DC  1 1_555 ? ? ? ? ? ? WATSON-CRICK ?     ? ? 
hydrog18 hydrog ?    ? A G   8 O6    ? ? ? 1_555 B DC  1 N4 ? ? A G   9 B DC  1 1_555 ? ? ? ? ? ? WATSON-CRICK ?     ? ? 
# 
loop_
_struct_conn_type.id 
_struct_conn_type.criteria 
_struct_conn_type.reference 
covale ? ? 
hydrog ? ? 
# 
loop_
_pdbx_validate_rmsd_bond.id 
_pdbx_validate_rmsd_bond.PDB_model_num 
_pdbx_validate_rmsd_bond.auth_atom_id_1 
_pdbx_validate_rmsd_bond.auth_asym_id_1 
_pdbx_validate_rmsd_bond.auth_comp_id_1 
_pdbx_validate_rmsd_bond.auth_seq_id_1 
_pdbx_validate_rmsd_bond.PDB_ins_code_1 
_pdbx_validate_rmsd_bond.label_alt_id_1 
_pdbx_validate_rmsd_bond.auth_atom_id_2 
_pdbx_validate_rmsd_bond.auth_asym_id_2 
_pdbx_validate_rmsd_bond.auth_comp_id_2 
_pdbx_validate_rmsd_bond.auth_seq_id_2 
_pdbx_validate_rmsd_bond.PDB_ins_code_2 
_pdbx_validate_rmsd_bond.label_alt_id_2 
_pdbx_validate_rmsd_bond.bond_value 
_pdbx_validate_rmsd_bond.bond_target_value 
_pdbx_validate_rmsd_bond.bond_deviation 
_pdbx_validate_rmsd_bond.bond_standard_deviation 
_pdbx_validate_rmsd_bond.linker_flag 
1  1 N3 A A  2  ? ? C4 A A  2  ? ? 1.466 1.344 0.122  0.006 N 
2  1 C4 A A  2  ? ? C5 A A  2  ? ? 1.460 1.383 0.077  0.007 N 
3  1 N7 A A  2  ? ? C8 A A  2  ? ? 1.378 1.311 0.067  0.007 N 
4  1 N3 A A  3  ? ? C4 A A  3  ? ? 1.465 1.344 0.121  0.006 N 
5  1 C4 A A  3  ? ? C5 A A  3  ? ? 1.459 1.383 0.076  0.007 N 
6  1 N7 A A  3  ? ? C8 A A  3  ? ? 1.378 1.311 0.067  0.007 N 
7  1 N3 A A  4  ? ? C4 A A  4  ? ? 1.466 1.344 0.122  0.006 N 
8  1 C4 A A  4  ? ? C5 A A  4  ? ? 1.459 1.383 0.076  0.007 N 
9  1 N7 A A  4  ? ? C8 A A  4  ? ? 1.380 1.311 0.069  0.007 N 
10 1 N1 A G  5  ? ? C2 A G  5  ? ? 1.467 1.373 0.094  0.008 N 
11 1 N3 A G  5  ? ? C4 A G  5  ? ? 1.445 1.350 0.095  0.007 N 
12 1 C4 A G  5  ? ? C5 A G  5  ? ? 1.437 1.379 0.058  0.007 N 
13 1 C5 A G  5  ? ? C6 A G  5  ? ? 1.551 1.419 0.132  0.010 N 
14 1 N7 A G  5  ? ? C8 A G  5  ? ? 1.377 1.305 0.072  0.006 N 
15 1 N1 A G  6  ? ? C2 A G  6  ? ? 1.466 1.373 0.093  0.008 N 
16 1 N3 A G  6  ? ? C4 A G  6  ? ? 1.448 1.350 0.098  0.007 N 
17 1 C4 A G  6  ? ? C5 A G  6  ? ? 1.435 1.379 0.056  0.007 N 
18 1 C5 A G  6  ? ? C6 A G  6  ? ? 1.549 1.419 0.130  0.010 N 
19 1 N7 A G  6  ? ? C8 A G  6  ? ? 1.375 1.305 0.070  0.006 N 
20 1 N3 A A  7  ? ? C4 A A  7  ? ? 1.466 1.344 0.122  0.006 N 
21 1 C4 A A  7  ? ? C5 A A  7  ? ? 1.459 1.383 0.076  0.007 N 
22 1 N7 A A  7  ? ? C8 A A  7  ? ? 1.378 1.311 0.067  0.007 N 
23 1 N1 A G  8  ? ? C2 A G  8  ? ? 1.467 1.373 0.094  0.008 N 
24 1 N3 A G  8  ? ? C4 A G  8  ? ? 1.444 1.350 0.094  0.007 N 
25 1 C4 A G  8  ? ? C5 A G  8  ? ? 1.437 1.379 0.058  0.007 N 
26 1 C5 A G  8  ? ? C6 A G  8  ? ? 1.552 1.419 0.133  0.010 N 
27 1 N7 A G  8  ? ? C8 A G  8  ? ? 1.378 1.305 0.073  0.006 N 
28 1 N1 A G  9  ? ? C2 A G  9  ? ? 1.466 1.373 0.093  0.008 N 
29 1 N3 A G  9  ? ? C4 A G  9  ? ? 1.446 1.350 0.096  0.007 N 
30 1 C4 A G  9  ? ? C5 A G  9  ? ? 1.437 1.379 0.058  0.007 N 
31 1 C5 A G  9  ? ? C6 A G  9  ? ? 1.550 1.419 0.131  0.010 N 
32 1 N7 A G  9  ? ? C8 A G  9  ? ? 1.377 1.305 0.072  0.006 N 
33 1 N3 A A  10 ? ? C4 A A  10 ? ? 1.466 1.344 0.122  0.006 N 
34 1 C4 A A  10 ? ? C5 A A  10 ? ? 1.458 1.383 0.075  0.007 N 
35 1 N7 A A  10 ? ? C8 A A  10 ? ? 1.378 1.311 0.067  0.007 N 
36 1 C4 B DC 1  ? ? N4 B DC 1  ? ? 1.407 1.335 0.072  0.009 N 
37 1 N1 B DC 1  ? ? C6 B DC 1  ? ? 1.498 1.367 0.131  0.006 N 
38 1 C2 B DC 1  ? ? N3 B DC 1  ? ? 1.470 1.353 0.117  0.008 N 
39 1 C4 B DC 1  ? ? C5 B DC 1  ? ? 1.369 1.425 -0.056 0.008 N 
# 
loop_
_pdbx_validate_rmsd_angle.id 
_pdbx_validate_rmsd_angle.PDB_model_num 
_pdbx_validate_rmsd_angle.auth_atom_id_1 
_pdbx_validate_rmsd_angle.auth_asym_id_1 
_pdbx_validate_rmsd_angle.auth_comp_id_1 
_pdbx_validate_rmsd_angle.auth_seq_id_1 
_pdbx_validate_rmsd_angle.PDB_ins_code_1 
_pdbx_validate_rmsd_angle.label_alt_id_1 
_pdbx_validate_rmsd_angle.auth_atom_id_2 
_pdbx_validate_rmsd_angle.auth_asym_id_2 
_pdbx_validate_rmsd_angle.auth_comp_id_2 
_pdbx_validate_rmsd_angle.auth_seq_id_2 
_pdbx_validate_rmsd_angle.PDB_ins_code_2 
_pdbx_validate_rmsd_angle.label_alt_id_2 
_pdbx_validate_rmsd_angle.auth_atom_id_3 
_pdbx_validate_rmsd_angle.auth_asym_id_3 
_pdbx_validate_rmsd_angle.auth_comp_id_3 
_pdbx_validate_rmsd_angle.auth_seq_id_3 
_pdbx_validate_rmsd_angle.PDB_ins_code_3 
_pdbx_validate_rmsd_angle.label_alt_id_3 
_pdbx_validate_rmsd_angle.angle_value 
_pdbx_validate_rmsd_angle.angle_target_value 
_pdbx_validate_rmsd_angle.angle_deviation 
_pdbx_validate_rmsd_angle.angle_standard_deviation 
_pdbx_validate_rmsd_angle.linker_flag 
1  1 C2    A A   2  ? ? N3    A A   2  ? ? C4  A A   2  ? ? 115.80 110.60 5.20   0.50 N 
2  1 N3    A A   2  ? ? C4    A A   2  ? ? C5  A A   2  ? ? 117.39 126.80 -9.41  0.70 N 
3  1 C5    A A   2  ? ? N7    A A   2  ? ? C8  A A   2  ? ? 97.46  103.90 -6.44  0.50 N 
4  1 N7    A A   2  ? ? C8    A A   2  ? ? N9  A A   2  ? ? 122.40 113.80 8.60   0.50 N 
5  1 C8    A A   2  ? ? N9    A A   2  ? ? C4  A A   2  ? ? 99.42  105.80 -6.38  0.40 N 
6  1 N3    A A   2  ? ? C4    A A   2  ? ? N9  A A   2  ? ? 134.43 127.40 7.03   0.80 N 
7  1 OP1   A A   3  ? ? P     A A   3  ? ? OP2 A A   3  ? ? 109.53 119.60 -10.07 1.50 N 
8  1 C2    A A   3  ? ? N3    A A   3  ? ? C4  A A   3  ? ? 115.66 110.60 5.06   0.50 N 
9  1 N3    A A   3  ? ? C4    A A   3  ? ? C5  A A   3  ? ? 117.64 126.80 -9.16  0.70 N 
10 1 C5    A A   3  ? ? N7    A A   3  ? ? C8  A A   3  ? ? 97.33  103.90 -6.57  0.50 N 
11 1 N7    A A   3  ? ? C8    A A   3  ? ? N9  A A   3  ? ? 122.22 113.80 8.42   0.50 N 
12 1 C8    A A   3  ? ? N9    A A   3  ? ? C4  A A   3  ? ? 99.71  105.80 -6.09  0.40 N 
13 1 N3    A A   3  ? ? C4    A A   3  ? ? N9  A A   3  ? ? 134.26 127.40 6.86   0.80 N 
14 1 OP1   A A   4  ? ? P     A A   4  ? ? OP2 A A   4  ? ? 109.55 119.60 -10.05 1.50 N 
15 1 C2    A A   4  ? ? N3    A A   4  ? ? C4  A A   4  ? ? 115.71 110.60 5.11   0.50 N 
16 1 N3    A A   4  ? ? C4    A A   4  ? ? C5  A A   4  ? ? 117.60 126.80 -9.20  0.70 N 
17 1 C5    A A   4  ? ? N7    A A   4  ? ? C8  A A   4  ? ? 97.54  103.90 -6.36  0.50 N 
18 1 N7    A A   4  ? ? C8    A A   4  ? ? N9  A A   4  ? ? 122.05 113.80 8.25   0.50 N 
19 1 C8    A A   4  ? ? N9    A A   4  ? ? C4  A A   4  ? ? 99.77  105.80 -6.03  0.40 N 
20 1 N3    A A   4  ? ? C4    A A   4  ? ? N9  A A   4  ? ? 134.23 127.40 6.83   0.80 N 
21 1 OP1   A G   5  ? ? P     A G   5  ? ? OP2 A G   5  ? ? 109.56 119.60 -10.04 1.50 N 
22 1 C2    A G   5  ? ? N3    A G   5  ? ? C4  A G   5  ? ? 123.12 111.90 11.22  0.50 N 
23 1 N3    A G   5  ? ? C4    A G   5  ? ? C5  A G   5  ? ? 117.75 128.60 -10.85 0.50 N 
24 1 C5    A G   5  ? ? C6    A G   5  ? ? N1  A G   5  ? ? 115.16 111.50 3.66   0.50 N 
25 1 C4    A G   5  ? ? C5    A G   5  ? ? N7  A G   5  ? ? 113.33 110.80 2.53   0.40 N 
26 1 C5    A G   5  ? ? N7    A G   5  ? ? C8  A G   5  ? ? 97.00  104.30 -7.30  0.50 N 
27 1 N7    A G   5  ? ? C8    A G   5  ? ? N9  A G   5  ? ? 121.90 113.10 8.80   0.50 N 
28 1 C8    A G   5  ? ? N9    A G   5  ? ? C4  A G   5  ? ? 99.62  106.40 -6.78  0.40 N 
29 1 N9    A G   5  ? ? C4    A G   5  ? ? C5  A G   5  ? ? 108.08 105.40 2.68   0.40 N 
30 1 N3    A G   5  ? ? C4    A G   5  ? ? N9  A G   5  ? ? 134.15 126.00 8.15   0.60 N 
31 1 C5    A G   5  ? ? C6    A G   5  ? ? O6  A G   5  ? ? 123.79 128.60 -4.81  0.60 N 
32 1 OP1   A G   6  ? ? P     A G   6  ? ? OP2 A G   6  ? ? 109.56 119.60 -10.04 1.50 N 
33 1 C2    A G   6  ? ? N3    A G   6  ? ? C4  A G   6  ? ? 123.12 111.90 11.22  0.50 N 
34 1 N3    A G   6  ? ? C4    A G   6  ? ? C5  A G   6  ? ? 117.69 128.60 -10.91 0.50 N 
35 1 C5    A G   6  ? ? C6    A G   6  ? ? N1  A G   6  ? ? 115.32 111.50 3.82   0.50 N 
36 1 C4    A G   6  ? ? C5    A G   6  ? ? N7  A G   6  ? ? 113.51 110.80 2.71   0.40 N 
37 1 C5    A G   6  ? ? N7    A G   6  ? ? C8  A G   6  ? ? 97.06  104.30 -7.24  0.50 N 
38 1 N7    A G   6  ? ? C8    A G   6  ? ? N9  A G   6  ? ? 121.82 113.10 8.72   0.50 N 
39 1 C8    A G   6  ? ? N9    A G   6  ? ? C4  A G   6  ? ? 99.55  106.40 -6.85  0.40 N 
40 1 N9    A G   6  ? ? C4    A G   6  ? ? C5  A G   6  ? ? 108.03 105.40 2.63   0.40 N 
41 1 N3    A G   6  ? ? C4    A G   6  ? ? N9  A G   6  ? ? 134.27 126.00 8.27   0.60 N 
42 1 C6    A G   6  ? ? C5    A G   6  ? ? N7  A G   6  ? ? 126.79 130.40 -3.61  0.60 N 
43 1 C5    A G   6  ? ? C6    A G   6  ? ? O6  A G   6  ? ? 123.38 128.60 -5.22  0.60 N 
44 1 OP1   A A   7  ? ? P     A A   7  ? ? OP2 A A   7  ? ? 109.54 119.60 -10.06 1.50 N 
45 1 C2    A A   7  ? ? N3    A A   7  ? ? C4  A A   7  ? ? 115.74 110.60 5.14   0.50 N 
46 1 N3    A A   7  ? ? C4    A A   7  ? ? C5  A A   7  ? ? 117.54 126.80 -9.26  0.70 N 
47 1 C5    A A   7  ? ? N7    A A   7  ? ? C8  A A   7  ? ? 97.53  103.90 -6.37  0.50 N 
48 1 N7    A A   7  ? ? C8    A A   7  ? ? N9  A A   7  ? ? 122.06 113.80 8.26   0.50 N 
49 1 C8    A A   7  ? ? N9    A A   7  ? ? C4  A A   7  ? ? 99.75  105.80 -6.05  0.40 N 
50 1 N3    A A   7  ? ? C4    A A   7  ? ? N9  A A   7  ? ? 134.37 127.40 6.97   0.80 N 
51 1 OP1   A G   8  ? ? P     A G   8  ? ? OP2 A G   8  ? ? 109.47 119.60 -10.13 1.50 N 
52 1 C2    A G   8  ? ? N3    A G   8  ? ? C4  A G   8  ? ? 123.06 111.90 11.16  0.50 N 
53 1 N3    A G   8  ? ? C4    A G   8  ? ? C5  A G   8  ? ? 117.88 128.60 -10.72 0.50 N 
54 1 C5    A G   8  ? ? C6    A G   8  ? ? N1  A G   8  ? ? 115.14 111.50 3.64   0.50 N 
55 1 C4    A G   8  ? ? C5    A G   8  ? ? N7  A G   8  ? ? 113.28 110.80 2.48   0.40 N 
56 1 C5    A G   8  ? ? N7    A G   8  ? ? C8  A G   8  ? ? 97.18  104.30 -7.12  0.50 N 
57 1 N7    A G   8  ? ? C8    A G   8  ? ? N9  A G   8  ? ? 121.76 113.10 8.66   0.50 N 
58 1 C8    A G   8  ? ? N9    A G   8  ? ? C4  A G   8  ? ? 99.50  106.40 -6.90  0.40 N 
59 1 N9    A G   8  ? ? C4    A G   8  ? ? C5  A G   8  ? ? 108.25 105.40 2.85   0.40 N 
60 1 N3    A G   8  ? ? C4    A G   8  ? ? N9  A G   8  ? ? 133.84 126.00 7.84   0.60 N 
61 1 C5    A G   8  ? ? C6    A G   8  ? ? O6  A G   8  ? ? 123.93 128.60 -4.67  0.60 N 
62 1 OP1   A G   9  ? ? P     A G   9  ? ? OP2 A G   9  ? ? 109.46 119.60 -10.14 1.50 N 
63 1 C2    A G   9  ? ? N3    A G   9  ? ? C4  A G   9  ? ? 122.99 111.90 11.09  0.50 N 
64 1 N3    A G   9  ? ? C4    A G   9  ? ? C5  A G   9  ? ? 117.88 128.60 -10.72 0.50 N 
65 1 C5    A G   9  ? ? C6    A G   9  ? ? N1  A G   9  ? ? 115.15 111.50 3.65   0.50 N 
66 1 C4    A G   9  ? ? C5    A G   9  ? ? N7  A G   9  ? ? 113.33 110.80 2.53   0.40 N 
67 1 C5    A G   9  ? ? N7    A G   9  ? ? C8  A G   9  ? ? 96.92  104.30 -7.38  0.50 N 
68 1 N7    A G   9  ? ? C8    A G   9  ? ? N9  A G   9  ? ? 121.88 113.10 8.78   0.50 N 
69 1 C8    A G   9  ? ? N9    A G   9  ? ? C4  A G   9  ? ? 99.82  106.40 -6.58  0.40 N 
70 1 N9    A G   9  ? ? C4    A G   9  ? ? C5  A G   9  ? ? 107.94 105.40 2.54   0.40 N 
71 1 N3    A G   9  ? ? C4    A G   9  ? ? N9  A G   9  ? ? 134.16 126.00 8.16   0.60 N 
72 1 C5    A G   9  ? ? C6    A G   9  ? ? O6  A G   9  ? ? 123.80 128.60 -4.80  0.60 N 
73 1 OP1   A A   10 ? ? P     A A   10 ? ? OP2 A A   10 ? ? 109.42 119.60 -10.18 1.50 N 
74 1 C2    A A   10 ? ? N3    A A   10 ? ? C4  A A   10 ? ? 115.72 110.60 5.12   0.50 N 
75 1 N3    A A   10 ? ? C4    A A   10 ? ? C5  A A   10 ? ? 117.53 126.80 -9.27  0.70 N 
76 1 C5    A A   10 ? ? N7    A A   10 ? ? C8  A A   10 ? ? 97.55  103.90 -6.35  0.50 N 
77 1 N7    A A   10 ? ? C8    A A   10 ? ? N9  A A   10 ? ? 122.06 113.80 8.26   0.50 N 
78 1 C8    A A   10 ? ? N9    A A   10 ? ? C4  A A   10 ? ? 99.72  105.80 -6.08  0.40 N 
79 1 N3    A A   10 ? ? C4    A A   10 ? ? N9  A A   10 ? ? 134.35 127.40 6.95   0.80 N 
80 1 "O4'" B DC  1  ? ? "C1'" B DC  1  ? ? N1  B DC  1  ? ? 111.87 108.30 3.57   0.30 N 
81 1 C6    B DC  1  ? ? N1    B DC  1  ? ? C2  B DC  1  ? ? 117.26 120.30 -3.04  0.40 N 
82 1 C4    B DC  1  ? ? C5    B DC  1  ? ? C6  B DC  1  ? ? 121.03 117.40 3.63   0.50 N 
83 1 "C3'" B 5PC 2  ? ? "O3'" B 5PC 2  ? ? P   B PDU 3  ? ? 128.32 119.70 8.62   1.20 Y 
# 
_pdbx_validate_planes.id              1 
_pdbx_validate_planes.PDB_model_num   1 
_pdbx_validate_planes.auth_comp_id    A 
_pdbx_validate_planes.auth_asym_id    A 
_pdbx_validate_planes.auth_seq_id     2 
_pdbx_validate_planes.PDB_ins_code    ? 
_pdbx_validate_planes.label_alt_id    ? 
_pdbx_validate_planes.rmsd            0.063 
_pdbx_validate_planes.type            'SIDE CHAIN' 
# 
loop_
_pdbx_struct_mod_residue.id 
_pdbx_struct_mod_residue.label_asym_id 
_pdbx_struct_mod_residue.label_comp_id 
_pdbx_struct_mod_residue.label_seq_id 
_pdbx_struct_mod_residue.auth_asym_id 
_pdbx_struct_mod_residue.auth_comp_id 
_pdbx_struct_mod_residue.auth_seq_id 
_pdbx_struct_mod_residue.PDB_ins_code 
_pdbx_struct_mod_residue.parent_comp_id 
_pdbx_struct_mod_residue.details 
1 B 5PC 2 B 5PC 2 ? DC ? 
2 B PDU 3 B PDU 3 ? DU ? 
3 B 5PC 4 B 5PC 4 ? DC ? 
4 B 5PC 5 B 5PC 5 ? DC ? 
5 B PDU 6 B PDU 6 ? DU ? 
6 B PDU 7 B PDU 7 ? DU ? 
# 
_pdbx_nmr_ensemble.entry_id                             1NTT 
_pdbx_nmr_ensemble.conformers_calculated_total_number   ? 
_pdbx_nmr_ensemble.conformers_submitted_total_number    1 
_pdbx_nmr_ensemble.conformer_selection_criteria         ? 
# 
_pdbx_nmr_representative.entry_id             1NTT 
_pdbx_nmr_representative.conformer_id         1 
_pdbx_nmr_representative.selection_criteria   'minimized average structure' 
# 
loop_
_pdbx_nmr_sample_details.solution_id 
_pdbx_nmr_sample_details.contents 
_pdbx_nmr_sample_details.solvent_system 
1 '~1mM hybrid, 80 mM NaCl, 10 mM phosphate buffer, 0.5 mM EDTA, 90% H2O, 10% D2O' '90% H2O/10% D2O' 
2 '~2.5 mM hybrid, 80 mM NaCl, 10 mM phosphate, 0.5 mM EDTA, 99.996% D2O'          '99.996% D2O'     
# 
loop_
_pdbx_nmr_exptl_sample_conditions.conditions_id 
_pdbx_nmr_exptl_sample_conditions.temperature 
_pdbx_nmr_exptl_sample_conditions.pressure 
_pdbx_nmr_exptl_sample_conditions.pH 
_pdbx_nmr_exptl_sample_conditions.ionic_strength 
_pdbx_nmr_exptl_sample_conditions.pressure_units 
_pdbx_nmr_exptl_sample_conditions.temperature_units 
1 273 ambient 7.0 '80 mM NaCl' ? K 
2 303 ambient 7.0 '80 mM NaCl' ? K 
# 
_pdbx_nmr_exptl.experiment_id   1 
_pdbx_nmr_exptl.solution_id     2 
_pdbx_nmr_exptl.conditions_id   2 
_pdbx_nmr_exptl.type            '2D NOESY' 
# 
_pdbx_nmr_refine.entry_id           1NTT 
_pdbx_nmr_refine.method             'simulated annealing, energy minimization' 
_pdbx_nmr_refine.details            
;The structure is based on a total of 160 interproton distance restraints, 18 hydrogen bond restraints, and 59 dihedral angle restraints.
;
_pdbx_nmr_refine.software_ordinal   1 
# 
loop_
_pdbx_nmr_software.name 
_pdbx_nmr_software.version 
_pdbx_nmr_software.classification 
_pdbx_nmr_software.authors 
_pdbx_nmr_software.ordinal 
VNMR     5.2  collection           Varian 1 
Felix    2000 'data analysis'      MSI    2 
Discover 95.0 'structure solution' MSI    3 
Discover 95.0 refinement           MSI    4 
# 
loop_
_chem_comp_atom.comp_id 
_chem_comp_atom.atom_id 
_chem_comp_atom.type_symbol 
_chem_comp_atom.pdbx_aromatic_flag 
_chem_comp_atom.pdbx_stereo_config 
_chem_comp_atom.pdbx_ordinal 
5PC OP3    O N N 1   
5PC P      P N N 2   
5PC OP1    O N N 3   
5PC OP2    O N N 4   
5PC "C5'"  C N N 5   
5PC "O5'"  O N N 6   
5PC "C4'"  C N R 7   
5PC "O4'"  O N N 8   
5PC "C3'"  C N S 9   
5PC "O3'"  O N N 10  
5PC "C2'"  C N N 11  
5PC "C1'"  C N R 12  
5PC N1     N N N 13  
5PC C2     C N N 14  
5PC O2     O N N 15  
5PC N3     N N N 16  
5PC C4     C N N 17  
5PC N4     N N N 18  
5PC C5     C N N 19  
5PC C6     C N N 20  
5PC C7     C N N 21  
5PC C8     C N N 22  
5PC C9     C N N 23  
5PC HOP3   H N N 24  
5PC HOP2   H N N 25  
5PC "H5'"  H N N 26  
5PC "H5''" H N N 27  
5PC "H4'"  H N N 28  
5PC "H3'"  H N N 29  
5PC "HO3'" H N N 30  
5PC "H2'"  H N N 31  
5PC "H2''" H N N 32  
5PC "H1'"  H N N 33  
5PC H41    H N N 34  
5PC H42    H N N 35  
5PC H6     H N N 36  
5PC H91    H N N 37  
5PC H92    H N N 38  
5PC H93    H N N 39  
A   OP3    O N N 40  
A   P      P N N 41  
A   OP1    O N N 42  
A   OP2    O N N 43  
A   "O5'"  O N N 44  
A   "C5'"  C N N 45  
A   "C4'"  C N R 46  
A   "O4'"  O N N 47  
A   "C3'"  C N S 48  
A   "O3'"  O N N 49  
A   "C2'"  C N R 50  
A   "O2'"  O N N 51  
A   "C1'"  C N R 52  
A   N9     N Y N 53  
A   C8     C Y N 54  
A   N7     N Y N 55  
A   C5     C Y N 56  
A   C6     C Y N 57  
A   N6     N N N 58  
A   N1     N Y N 59  
A   C2     C Y N 60  
A   N3     N Y N 61  
A   C4     C Y N 62  
A   HOP3   H N N 63  
A   HOP2   H N N 64  
A   "H5'"  H N N 65  
A   "H5''" H N N 66  
A   "H4'"  H N N 67  
A   "H3'"  H N N 68  
A   "HO3'" H N N 69  
A   "H2'"  H N N 70  
A   "HO2'" H N N 71  
A   "H1'"  H N N 72  
A   H8     H N N 73  
A   H61    H N N 74  
A   H62    H N N 75  
A   H2     H N N 76  
DC  OP3    O N N 77  
DC  P      P N N 78  
DC  OP1    O N N 79  
DC  OP2    O N N 80  
DC  "O5'"  O N N 81  
DC  "C5'"  C N N 82  
DC  "C4'"  C N R 83  
DC  "O4'"  O N N 84  
DC  "C3'"  C N S 85  
DC  "O3'"  O N N 86  
DC  "C2'"  C N N 87  
DC  "C1'"  C N R 88  
DC  N1     N N N 89  
DC  C2     C N N 90  
DC  O2     O N N 91  
DC  N3     N N N 92  
DC  C4     C N N 93  
DC  N4     N N N 94  
DC  C5     C N N 95  
DC  C6     C N N 96  
DC  HOP3   H N N 97  
DC  HOP2   H N N 98  
DC  "H5'"  H N N 99  
DC  "H5''" H N N 100 
DC  "H4'"  H N N 101 
DC  "H3'"  H N N 102 
DC  "HO3'" H N N 103 
DC  "H2'"  H N N 104 
DC  "H2''" H N N 105 
DC  "H1'"  H N N 106 
DC  H41    H N N 107 
DC  H42    H N N 108 
DC  H5     H N N 109 
DC  H6     H N N 110 
G   OP3    O N N 111 
G   P      P N N 112 
G   OP1    O N N 113 
G   OP2    O N N 114 
G   "O5'"  O N N 115 
G   "C5'"  C N N 116 
G   "C4'"  C N R 117 
G   "O4'"  O N N 118 
G   "C3'"  C N S 119 
G   "O3'"  O N N 120 
G   "C2'"  C N R 121 
G   "O2'"  O N N 122 
G   "C1'"  C N R 123 
G   N9     N Y N 124 
G   C8     C Y N 125 
G   N7     N Y N 126 
G   C5     C Y N 127 
G   C6     C N N 128 
G   O6     O N N 129 
G   N1     N N N 130 
G   C2     C N N 131 
G   N2     N N N 132 
G   N3     N N N 133 
G   C4     C Y N 134 
G   HOP3   H N N 135 
G   HOP2   H N N 136 
G   "H5'"  H N N 137 
G   "H5''" H N N 138 
G   "H4'"  H N N 139 
G   "H3'"  H N N 140 
G   "HO3'" H N N 141 
G   "H2'"  H N N 142 
G   "HO2'" H N N 143 
G   "H1'"  H N N 144 
G   H8     H N N 145 
G   H1     H N N 146 
G   H21    H N N 147 
G   H22    H N N 148 
PDU P      P N N 149 
PDU OP2    O N N 150 
PDU OP1    O N N 151 
PDU "O5'"  O N N 152 
PDU "C5'"  C N N 153 
PDU "C4'"  C N R 154 
PDU "O4'"  O N N 155 
PDU "C3'"  C N S 156 
PDU "O3'"  O N N 157 
PDU "C2'"  C N N 158 
PDU "C1'"  C N R 159 
PDU N1     N N N 160 
PDU C2     C N N 161 
PDU O2     O N N 162 
PDU N3     N N N 163 
PDU C4     C N N 164 
PDU O4     O N N 165 
PDU C5     C N N 166 
PDU C5A    C N N 167 
PDU C5B    C N N 168 
PDU C5M    C N N 169 
PDU C6     C N N 170 
PDU OP3    O N N 171 
PDU HOP2   H N N 172 
PDU "H5'"  H N N 173 
PDU "H5''" H N N 174 
PDU "H4'"  H N N 175 
PDU "H3'"  H N N 176 
PDU H2     H N N 177 
PDU "H2''" H N N 178 
PDU "H2'"  H N N 179 
PDU "H1'"  H N N 180 
PDU H3     H N N 181 
PDU H71    H N N 182 
PDU H72    H N N 183 
PDU H73    H N N 184 
PDU H6     H N N 185 
PDU HOP3   H N N 186 
# 
loop_
_chem_comp_bond.comp_id 
_chem_comp_bond.atom_id_1 
_chem_comp_bond.atom_id_2 
_chem_comp_bond.value_order 
_chem_comp_bond.pdbx_aromatic_flag 
_chem_comp_bond.pdbx_stereo_config 
_chem_comp_bond.pdbx_ordinal 
5PC OP3   P      sing N N 1   
5PC OP3   HOP3   sing N N 2   
5PC P     OP1    doub N N 3   
5PC P     OP2    sing N N 4   
5PC P     "O5'"  sing N N 5   
5PC OP2   HOP2   sing N N 6   
5PC "C5'" "O5'"  sing N N 7   
5PC "C5'" "C4'"  sing N N 8   
5PC "C5'" "H5'"  sing N N 9   
5PC "C5'" "H5''" sing N N 10  
5PC "C4'" "O4'"  sing N N 11  
5PC "C4'" "C3'"  sing N N 12  
5PC "C4'" "H4'"  sing N N 13  
5PC "O4'" "C1'"  sing N N 14  
5PC "C3'" "O3'"  sing N N 15  
5PC "C3'" "C2'"  sing N N 16  
5PC "C3'" "H3'"  sing N N 17  
5PC "O3'" "HO3'" sing N N 18  
5PC "C2'" "C1'"  sing N N 19  
5PC "C2'" "H2'"  sing N N 20  
5PC "C2'" "H2''" sing N N 21  
5PC "C1'" N1     sing N N 22  
5PC "C1'" "H1'"  sing N N 23  
5PC N1    C2     sing N N 24  
5PC N1    C6     sing N N 25  
5PC C2    O2     doub N N 26  
5PC C2    N3     sing N N 27  
5PC N3    C4     doub N N 28  
5PC C4    N4     sing N N 29  
5PC C4    C5     sing N N 30  
5PC N4    H41    sing N N 31  
5PC N4    H42    sing N N 32  
5PC C5    C6     doub N N 33  
5PC C5    C7     sing N N 34  
5PC C6    H6     sing N N 35  
5PC C7    C8     trip N N 36  
5PC C8    C9     sing N N 37  
5PC C9    H91    sing N N 38  
5PC C9    H92    sing N N 39  
5PC C9    H93    sing N N 40  
A   OP3   P      sing N N 41  
A   OP3   HOP3   sing N N 42  
A   P     OP1    doub N N 43  
A   P     OP2    sing N N 44  
A   P     "O5'"  sing N N 45  
A   OP2   HOP2   sing N N 46  
A   "O5'" "C5'"  sing N N 47  
A   "C5'" "C4'"  sing N N 48  
A   "C5'" "H5'"  sing N N 49  
A   "C5'" "H5''" sing N N 50  
A   "C4'" "O4'"  sing N N 51  
A   "C4'" "C3'"  sing N N 52  
A   "C4'" "H4'"  sing N N 53  
A   "O4'" "C1'"  sing N N 54  
A   "C3'" "O3'"  sing N N 55  
A   "C3'" "C2'"  sing N N 56  
A   "C3'" "H3'"  sing N N 57  
A   "O3'" "HO3'" sing N N 58  
A   "C2'" "O2'"  sing N N 59  
A   "C2'" "C1'"  sing N N 60  
A   "C2'" "H2'"  sing N N 61  
A   "O2'" "HO2'" sing N N 62  
A   "C1'" N9     sing N N 63  
A   "C1'" "H1'"  sing N N 64  
A   N9    C8     sing Y N 65  
A   N9    C4     sing Y N 66  
A   C8    N7     doub Y N 67  
A   C8    H8     sing N N 68  
A   N7    C5     sing Y N 69  
A   C5    C6     sing Y N 70  
A   C5    C4     doub Y N 71  
A   C6    N6     sing N N 72  
A   C6    N1     doub Y N 73  
A   N6    H61    sing N N 74  
A   N6    H62    sing N N 75  
A   N1    C2     sing Y N 76  
A   C2    N3     doub Y N 77  
A   C2    H2     sing N N 78  
A   N3    C4     sing Y N 79  
DC  OP3   P      sing N N 80  
DC  OP3   HOP3   sing N N 81  
DC  P     OP1    doub N N 82  
DC  P     OP2    sing N N 83  
DC  P     "O5'"  sing N N 84  
DC  OP2   HOP2   sing N N 85  
DC  "O5'" "C5'"  sing N N 86  
DC  "C5'" "C4'"  sing N N 87  
DC  "C5'" "H5'"  sing N N 88  
DC  "C5'" "H5''" sing N N 89  
DC  "C4'" "O4'"  sing N N 90  
DC  "C4'" "C3'"  sing N N 91  
DC  "C4'" "H4'"  sing N N 92  
DC  "O4'" "C1'"  sing N N 93  
DC  "C3'" "O3'"  sing N N 94  
DC  "C3'" "C2'"  sing N N 95  
DC  "C3'" "H3'"  sing N N 96  
DC  "O3'" "HO3'" sing N N 97  
DC  "C2'" "C1'"  sing N N 98  
DC  "C2'" "H2'"  sing N N 99  
DC  "C2'" "H2''" sing N N 100 
DC  "C1'" N1     sing N N 101 
DC  "C1'" "H1'"  sing N N 102 
DC  N1    C2     sing N N 103 
DC  N1    C6     sing N N 104 
DC  C2    O2     doub N N 105 
DC  C2    N3     sing N N 106 
DC  N3    C4     doub N N 107 
DC  C4    N4     sing N N 108 
DC  C4    C5     sing N N 109 
DC  N4    H41    sing N N 110 
DC  N4    H42    sing N N 111 
DC  C5    C6     doub N N 112 
DC  C5    H5     sing N N 113 
DC  C6    H6     sing N N 114 
G   OP3   P      sing N N 115 
G   OP3   HOP3   sing N N 116 
G   P     OP1    doub N N 117 
G   P     OP2    sing N N 118 
G   P     "O5'"  sing N N 119 
G   OP2   HOP2   sing N N 120 
G   "O5'" "C5'"  sing N N 121 
G   "C5'" "C4'"  sing N N 122 
G   "C5'" "H5'"  sing N N 123 
G   "C5'" "H5''" sing N N 124 
G   "C4'" "O4'"  sing N N 125 
G   "C4'" "C3'"  sing N N 126 
G   "C4'" "H4'"  sing N N 127 
G   "O4'" "C1'"  sing N N 128 
G   "C3'" "O3'"  sing N N 129 
G   "C3'" "C2'"  sing N N 130 
G   "C3'" "H3'"  sing N N 131 
G   "O3'" "HO3'" sing N N 132 
G   "C2'" "O2'"  sing N N 133 
G   "C2'" "C1'"  sing N N 134 
G   "C2'" "H2'"  sing N N 135 
G   "O2'" "HO2'" sing N N 136 
G   "C1'" N9     sing N N 137 
G   "C1'" "H1'"  sing N N 138 
G   N9    C8     sing Y N 139 
G   N9    C4     sing Y N 140 
G   C8    N7     doub Y N 141 
G   C8    H8     sing N N 142 
G   N7    C5     sing Y N 143 
G   C5    C6     sing N N 144 
G   C5    C4     doub Y N 145 
G   C6    O6     doub N N 146 
G   C6    N1     sing N N 147 
G   N1    C2     sing N N 148 
G   N1    H1     sing N N 149 
G   C2    N2     sing N N 150 
G   C2    N3     doub N N 151 
G   N2    H21    sing N N 152 
G   N2    H22    sing N N 153 
G   N3    C4     sing N N 154 
PDU C5M   C5B    sing N N 155 
PDU OP1   P      doub N N 156 
PDU C5B   C5A    trip N N 157 
PDU C5A   C5     sing N N 158 
PDU "C2'" "C3'"  sing N N 159 
PDU "C2'" "C1'"  sing N N 160 
PDU "C3'" "O3'"  sing N N 161 
PDU "C3'" "C4'"  sing N N 162 
PDU C5    C6     doub N N 163 
PDU C5    C4     sing N N 164 
PDU P     "O5'"  sing N N 165 
PDU P     OP2    sing N N 166 
PDU "O5'" "C5'"  sing N N 167 
PDU O4    C4     doub N N 168 
PDU C6    N1     sing N N 169 
PDU C4    N3     sing N N 170 
PDU "C5'" "C4'"  sing N N 171 
PDU N1    "C1'"  sing N N 172 
PDU N1    C2     sing N N 173 
PDU "C4'" "O4'"  sing N N 174 
PDU N3    C2     sing N N 175 
PDU "C1'" "O4'"  sing N N 176 
PDU C2    O2     doub N N 177 
PDU P     OP3    sing N N 178 
PDU OP2   HOP2   sing N N 179 
PDU "C5'" "H5'"  sing N N 180 
PDU "C5'" "H5''" sing N N 181 
PDU "C4'" "H4'"  sing N N 182 
PDU "C3'" "H3'"  sing N N 183 
PDU "O3'" H2     sing N N 184 
PDU "C2'" "H2''" sing N N 185 
PDU "C2'" "H2'"  sing N N 186 
PDU "C1'" "H1'"  sing N N 187 
PDU N3    H3     sing N N 188 
PDU C5M   H71    sing N N 189 
PDU C5M   H72    sing N N 190 
PDU C5M   H73    sing N N 191 
PDU C6    H6     sing N N 192 
PDU OP3   HOP3   sing N N 193 
# 
loop_
_ndb_struct_conf_na.entry_id 
_ndb_struct_conf_na.feature 
1NTT 'double helix'        
1NTT 'a-form double helix' 
# 
loop_
_ndb_struct_na_base_pair.model_number 
_ndb_struct_na_base_pair.i_label_asym_id 
_ndb_struct_na_base_pair.i_label_comp_id 
_ndb_struct_na_base_pair.i_label_seq_id 
_ndb_struct_na_base_pair.i_symmetry 
_ndb_struct_na_base_pair.j_label_asym_id 
_ndb_struct_na_base_pair.j_label_comp_id 
_ndb_struct_na_base_pair.j_label_seq_id 
_ndb_struct_na_base_pair.j_symmetry 
_ndb_struct_na_base_pair.shear 
_ndb_struct_na_base_pair.stretch 
_ndb_struct_na_base_pair.stagger 
_ndb_struct_na_base_pair.buckle 
_ndb_struct_na_base_pair.propeller 
_ndb_struct_na_base_pair.opening 
_ndb_struct_na_base_pair.pair_number 
_ndb_struct_na_base_pair.pair_name 
_ndb_struct_na_base_pair.i_auth_asym_id 
_ndb_struct_na_base_pair.i_auth_seq_id 
_ndb_struct_na_base_pair.i_PDB_ins_code 
_ndb_struct_na_base_pair.j_auth_asym_id 
_ndb_struct_na_base_pair.j_auth_seq_id 
_ndb_struct_na_base_pair.j_PDB_ins_code 
_ndb_struct_na_base_pair.hbond_type_28 
_ndb_struct_na_base_pair.hbond_type_12 
1 A A 2 1_555 B PDU 7 1_555 -0.090 0.279  -0.242 -9.980 -13.535 1.980  1 A_A3:PDU7_B A 3 ? B 7 ? 20 1 
1 A A 3 1_555 B PDU 6 1_555 -0.297 0.261  0.524  0.482  -16.681 3.526  2 A_A4:PDU6_B A 4 ? B 6 ? 20 1 
1 A G 4 1_555 B 5PC 5 1_555 -1.383 -0.061 0.352  4.032  -17.768 1.148  3 A_G5:5PC5_B A 5 ? B 5 ? 19 1 
1 A G 5 1_555 B 5PC 4 1_555 -0.479 0.132  -0.305 -2.769 -14.332 -6.331 4 A_G6:5PC4_B A 6 ? B 4 ? 19 1 
1 A A 6 1_555 B PDU 3 1_555 -0.594 0.222  0.094  3.255  -14.110 -0.149 5 A_A7:PDU3_B A 7 ? B 3 ? 20 1 
1 A G 7 1_555 B 5PC 2 1_555 -1.355 -0.032 0.252  5.741  -16.352 3.110  6 A_G8:5PC2_B A 8 ? B 2 ? 19 1 
1 A G 8 1_555 B DC  1 1_555 -0.675 0.057  -0.460 -4.324 -22.792 -0.610 7 A_G9:DC1_B  A 9 ? B 1 ? 19 1 
# 
loop_
_ndb_struct_na_base_pair_step.model_number 
_ndb_struct_na_base_pair_step.i_label_asym_id_1 
_ndb_struct_na_base_pair_step.i_label_comp_id_1 
_ndb_struct_na_base_pair_step.i_label_seq_id_1 
_ndb_struct_na_base_pair_step.i_symmetry_1 
_ndb_struct_na_base_pair_step.j_label_asym_id_1 
_ndb_struct_na_base_pair_step.j_label_comp_id_1 
_ndb_struct_na_base_pair_step.j_label_seq_id_1 
_ndb_struct_na_base_pair_step.j_symmetry_1 
_ndb_struct_na_base_pair_step.i_label_asym_id_2 
_ndb_struct_na_base_pair_step.i_label_comp_id_2 
_ndb_struct_na_base_pair_step.i_label_seq_id_2 
_ndb_struct_na_base_pair_step.i_symmetry_2 
_ndb_struct_na_base_pair_step.j_label_asym_id_2 
_ndb_struct_na_base_pair_step.j_label_comp_id_2 
_ndb_struct_na_base_pair_step.j_label_seq_id_2 
_ndb_struct_na_base_pair_step.j_symmetry_2 
_ndb_struct_na_base_pair_step.shift 
_ndb_struct_na_base_pair_step.slide 
_ndb_struct_na_base_pair_step.rise 
_ndb_struct_na_base_pair_step.tilt 
_ndb_struct_na_base_pair_step.roll 
_ndb_struct_na_base_pair_step.twist 
_ndb_struct_na_base_pair_step.x_displacement 
_ndb_struct_na_base_pair_step.y_displacement 
_ndb_struct_na_base_pair_step.helical_rise 
_ndb_struct_na_base_pair_step.inclination 
_ndb_struct_na_base_pair_step.tip 
_ndb_struct_na_base_pair_step.helical_twist 
_ndb_struct_na_base_pair_step.step_number 
_ndb_struct_na_base_pair_step.step_name 
_ndb_struct_na_base_pair_step.i_auth_asym_id_1 
_ndb_struct_na_base_pair_step.i_auth_seq_id_1 
_ndb_struct_na_base_pair_step.i_PDB_ins_code_1 
_ndb_struct_na_base_pair_step.j_auth_asym_id_1 
_ndb_struct_na_base_pair_step.j_auth_seq_id_1 
_ndb_struct_na_base_pair_step.j_PDB_ins_code_1 
_ndb_struct_na_base_pair_step.i_auth_asym_id_2 
_ndb_struct_na_base_pair_step.i_auth_seq_id_2 
_ndb_struct_na_base_pair_step.i_PDB_ins_code_2 
_ndb_struct_na_base_pair_step.j_auth_asym_id_2 
_ndb_struct_na_base_pair_step.j_auth_seq_id_2 
_ndb_struct_na_base_pair_step.j_PDB_ins_code_2 
1 A A 2 1_555 B PDU 7 1_555 A A 3 1_555 B PDU 6 1_555 0.428  -0.948 3.130 -4.077 1.942 29.871 -2.189 -1.599 2.980 3.740  7.853  
30.203 1 AA_A3A4:PDU6PDU7_BB A 3 ? B 7 ? A 4 ? B 6 ? 
1 A A 3 1_555 B PDU 6 1_555 A G 4 1_555 B 5PC 5 1_555 -0.128 -1.084 3.293 2.786  0.668 29.190 -2.285 0.853  3.242 1.322  -5.511 
29.327 2 AA_A4G5:5PC5PDU6_BB A 4 ? B 6 ? A 5 ? B 5 ? 
1 A G 4 1_555 B 5PC 5 1_555 A G 5 1_555 B 5PC 4 1_555 -0.580 -0.960 3.658 3.778  3.113 36.124 -2.008 1.502  3.489 4.991  -6.058 
36.443 3 AA_G5G6:5PC45PC5_BB A 5 ? B 5 ? A 6 ? B 4 ? 
1 A G 5 1_555 B 5PC 4 1_555 A A 6 1_555 B PDU 3 1_555 0.695  -0.947 3.279 -1.779 2.516 32.437 -2.120 -1.544 3.157 4.491  3.176  
32.579 4 AA_G6A7:PDU35PC4_BB A 6 ? B 4 ? A 7 ? B 3 ? 
1 A A 6 1_555 B PDU 3 1_555 A G 7 1_555 B 5PC 2 1_555 0.278  -1.415 3.306 -2.091 3.509 28.230 -3.657 -1.032 3.083 7.146  4.259  
28.518 5 AA_A7G8:5PC2PDU3_BB A 7 ? B 3 ? A 8 ? B 2 ? 
1 A G 7 1_555 B 5PC 2 1_555 A G 8 1_555 B DC  1 1_555 -0.496 -0.964 3.698 1.221  7.959 39.353 -2.403 0.876  3.430 11.671 -1.790 
40.137 6 AA_G8G9:DC15PC2_BB  A 8 ? B 2 ? A 9 ? B 1 ? 
# 
_pdbx_nmr_spectrometer.spectrometer_id   1 
_pdbx_nmr_spectrometer.type              ? 
_pdbx_nmr_spectrometer.manufacturer      Varian 
_pdbx_nmr_spectrometer.model             INOVA 
_pdbx_nmr_spectrometer.field_strength    500 
# 
_atom_sites.entry_id                    1NTT 
_atom_sites.fract_transf_matrix[1][1]   1.000000 
_atom_sites.fract_transf_matrix[1][2]   0.000000 
_atom_sites.fract_transf_matrix[1][3]   0.000000 
_atom_sites.fract_transf_matrix[2][1]   0.000000 
_atom_sites.fract_transf_matrix[2][2]   1.000000 
_atom_sites.fract_transf_matrix[2][3]   0.000000 
_atom_sites.fract_transf_matrix[3][1]   0.000000 
_atom_sites.fract_transf_matrix[3][2]   0.000000 
_atom_sites.fract_transf_matrix[3][3]   1.000000 
_atom_sites.fract_transf_vector[1]      0.00000 
_atom_sites.fract_transf_vector[2]      0.00000 
_atom_sites.fract_transf_vector[3]      0.00000 
# 
loop_
_atom_type.symbol 
C 
H 
N 
O 
P 
# 
loop_
_atom_site.group_PDB 
_atom_site.id 
_atom_site.type_symbol 
_atom_site.label_atom_id 
_atom_site.label_alt_id 
_atom_site.label_comp_id 
_atom_site.label_asym_id 
_atom_site.label_entity_id 
_atom_site.label_seq_id 
_atom_site.pdbx_PDB_ins_code 
_atom_site.Cartn_x 
_atom_site.Cartn_y 
_atom_site.Cartn_z 
_atom_site.occupancy 
_atom_site.B_iso_or_equiv 
_atom_site.pdbx_formal_charge 
_atom_site.auth_seq_id 
_atom_site.auth_comp_id 
_atom_site.auth_asym_id 
_atom_site.auth_atom_id 
_atom_site.pdbx_PDB_model_num 
ATOM   1   O "O5'"  . A   A 1 1 ? -8.266  -3.853  -10.983 1.00 0.00 ? 2  A   A "O5'"  1 
ATOM   2   C "C5'"  . A   A 1 1 ? -8.786  -3.467  -12.251 1.00 0.00 ? 2  A   A "C5'"  1 
ATOM   3   C "C4'"  . A   A 1 1 ? -10.082 -2.653  -12.090 1.00 0.00 ? 2  A   A "C4'"  1 
ATOM   4   O "O4'"  . A   A 1 1 ? -11.026 -3.372  -11.275 1.00 0.00 ? 2  A   A "O4'"  1 
ATOM   5   C "C3'"  . A   A 1 1 ? -9.901  -1.286  -11.416 1.00 0.00 ? 2  A   A "C3'"  1 
ATOM   6   O "O3'"  . A   A 1 1 ? -9.524  -0.278  -12.378 1.00 0.00 ? 2  A   A "O3'"  1 
ATOM   7   C "C2'"  . A   A 1 1 ? -11.288 -1.028  -10.826 1.00 0.00 ? 2  A   A "C2'"  1 
ATOM   8   O "O2'"  . A   A 1 1 ? -12.118 -0.400  -11.800 1.00 0.00 ? 2  A   A "O2'"  1 
ATOM   9   C "C1'"  . A   A 1 1 ? -11.820 -2.441  -10.503 1.00 0.00 ? 2  A   A "C1'"  1 
ATOM   10  N N9     . A   A 1 1 ? -11.752 -2.768  -9.038  1.00 0.00 ? 2  A   A N9     1 
ATOM   11  C C8     . A   A 1 1 ? -11.092 -3.799  -8.374  1.00 0.00 ? 2  A   A C8     1 
ATOM   12  N N7     . A   A 1 1 ? -11.320 -4.086  -7.045  1.00 0.00 ? 2  A   A N7     1 
ATOM   13  C C5     . A   A 1 1 ? -12.258 -3.092  -6.804  1.00 0.00 ? 2  A   A C5     1 
ATOM   14  C C6     . A   A 1 1 ? -12.995 -2.779  -5.595  1.00 0.00 ? 2  A   A C6     1 
ATOM   15  N N6     . A   A 1 1 ? -12.839 -3.480  -4.478  1.00 0.00 ? 2  A   A N6     1 
ATOM   16  N N1     . A   A 1 1 ? -13.851 -1.775  -5.579  1.00 0.00 ? 2  A   A N1     1 
ATOM   17  C C2     . A   A 1 1 ? -14.040 -1.056  -6.665  1.00 0.00 ? 2  A   A C2     1 
ATOM   18  N N3     . A   A 1 1 ? -13.493 -1.184  -7.847  1.00 0.00 ? 2  A   A N3     1 
ATOM   19  C C4     . A   A 1 1 ? -12.522 -2.273  -7.984  1.00 0.00 ? 2  A   A C4     1 
ATOM   20  H "H5'"  . A   A 1 1 ? -8.983  -4.371  -12.856 1.00 0.00 ? 2  A   A "H5'"  1 
ATOM   21  H "H5''" . A   A 1 1 ? -8.025  -2.882  -12.804 1.00 0.00 ? 2  A   A "H5''" 1 
ATOM   22  H "H4'"  . A   A 1 1 ? -10.531 -2.502  -13.091 1.00 0.00 ? 2  A   A "H4'"  1 
ATOM   23  H "H3'"  . A   A 1 1 ? -9.161  -1.364  -10.594 1.00 0.00 ? 2  A   A "H3'"  1 
ATOM   24  H "H2'"  . A   A 1 1 ? -11.227 -0.373  -9.939  1.00 0.00 ? 2  A   A "H2'"  1 
ATOM   25  H "HO2'" . A   A 1 1 ? -11.504 0.101   -12.347 1.00 0.00 ? 2  A   A "HO2'" 1 
ATOM   26  H "H1'"  . A   A 1 1 ? -12.875 -2.524  -10.830 1.00 0.00 ? 2  A   A "H1'"  1 
ATOM   27  H H8     . A   A 1 1 ? -10.404 -4.427  -8.920  1.00 0.00 ? 2  A   A H8     1 
ATOM   28  H H61    . A   A 1 1 ? -13.395 -3.177  -3.672  1.00 0.00 ? 2  A   A H61    1 
ATOM   29  H H62    . A   A 1 1 ? -12.155 -4.245  -4.510  1.00 0.00 ? 2  A   A H62    1 
ATOM   30  H H2     . A   A 1 1 ? -14.744 -0.242  -6.566  1.00 0.00 ? 2  A   A H2     1 
ATOM   31  H "HO5'" . A   A 1 1 ? -9.028  -4.129  -10.468 1.00 0.00 ? 2  A   A "HO5'" 1 
ATOM   32  P P      . A   A 1 2 ? -8.274  0.727   -12.153 1.00 0.00 ? 3  A   A P      1 
ATOM   33  O OP1    . A   A 1 2 ? -7.985  1.463   -13.463 1.00 0.00 ? 3  A   A OP1    1 
ATOM   34  O OP2    . A   A 1 2 ? -7.043  -0.080  -11.738 1.00 0.00 ? 3  A   A OP2    1 
ATOM   35  O "O5'"  . A   A 1 2 ? -8.641  1.795   -10.994 1.00 0.00 ? 3  A   A "O5'"  1 
ATOM   36  C "C5'"  . A   A 1 2 ? -9.581  2.867   -11.198 1.00 0.00 ? 3  A   A "C5'"  1 
ATOM   37  C "C4'"  . A   A 1 2 ? -10.301 3.246   -9.891  1.00 0.00 ? 3  A   A "C4'"  1 
ATOM   38  O "O4'"  . A   A 1 2 ? -10.981 2.096   -9.344  1.00 0.00 ? 3  A   A "O4'"  1 
ATOM   39  C "C3'"  . A   A 1 2 ? -9.401  3.782   -8.766  1.00 0.00 ? 3  A   A "C3'"  1 
ATOM   40  O "O3'"  . A   A 1 2 ? -9.141  5.195   -8.887  1.00 0.00 ? 3  A   A "O3'"  1 
ATOM   41  C "C2'"  . A   A 1 2 ? -10.246 3.461   -7.530  1.00 0.00 ? 3  A   A "C2'"  1 
ATOM   42  O "O2'"  . A   A 1 2 ? -11.237 4.468   -7.339  1.00 0.00 ? 3  A   A "O2'"  1 
ATOM   43  C "C1'"  . A   A 1 2 ? -10.918 2.131   -7.901  1.00 0.00 ? 3  A   A "C1'"  1 
ATOM   44  N N9     . A   A 1 2 ? -10.173 0.948   -7.361  1.00 0.00 ? 3  A   A N9     1 
ATOM   45  C C8     . A   A 1 2 ? -9.193  0.144   -7.933  1.00 0.00 ? 3  A   A C8     1 
ATOM   46  N N7     . A   A 1 2 ? -8.671  -0.953  -7.282  1.00 0.00 ? 3  A   A N7     1 
ATOM   47  C C5     . A   A 1 2 ? -9.397  -0.824  -6.106  1.00 0.00 ? 3  A   A C5     1 
ATOM   48  C C6     . A   A 1 2 ? -9.377  -1.633  -4.906  1.00 0.00 ? 3  A   A C6     1 
ATOM   49  N N6     . A   A 1 2 ? -8.619  -2.718  -4.803  1.00 0.00 ? 3  A   A N6     1 
ATOM   50  N N1     . A   A 1 2 ? -10.133 -1.307  -3.876  1.00 0.00 ? 3  A   A N1     1 
ATOM   51  C C2     . A   A 1 2 ? -10.921 -0.255  -3.939  1.00 0.00 ? 3  A   A C2     1 
ATOM   52  N N3     . A   A 1 2 ? -11.097 0.581   -4.926  1.00 0.00 ? 3  A   A N3     1 
ATOM   53  C C4     . A   A 1 2 ? -10.299 0.323   -6.127  1.00 0.00 ? 3  A   A C4     1 
ATOM   54  H "H5'"  . A   A 1 2 ? -10.336 2.576   -11.953 1.00 0.00 ? 3  A   A "H5'"  1 
ATOM   55  H "H5''" . A   A 1 2 ? -9.053  3.745   -11.616 1.00 0.00 ? 3  A   A "H5''" 1 
ATOM   56  H "H4'"  . A   A 1 2 ? -11.063 4.012   -10.130 1.00 0.00 ? 3  A   A "H4'"  1 
ATOM   57  H "H3'"  . A   A 1 2 ? -8.453  3.208   -8.733  1.00 0.00 ? 3  A   A "H3'"  1 
ATOM   58  H "H2'"  . A   A 1 2 ? -9.625  3.394   -6.622  1.00 0.00 ? 3  A   A "H2'"  1 
ATOM   59  H "HO2'" . A   A 1 2 ? -10.815 5.280   -7.635  1.00 0.00 ? 3  A   A "HO2'" 1 
ATOM   60  H "H1'"  . A   A 1 2 ? -11.942 2.117   -7.488  1.00 0.00 ? 3  A   A "H1'"  1 
ATOM   61  H H8     . A   A 1 2 ? -8.818  0.383   -8.917  1.00 0.00 ? 3  A   A H8     1 
ATOM   62  H H61    . A   A 1 2 ? -8.671  -3.240  -3.921  1.00 0.00 ? 3  A   A H61    1 
ATOM   63  H H62    . A   A 1 2 ? -8.034  -2.943  -5.616  1.00 0.00 ? 3  A   A H62    1 
ATOM   64  H H2     . A   A 1 2 ? -11.485 -0.041  -3.042  1.00 0.00 ? 3  A   A H2     1 
ATOM   65  P P      . A   A 1 3 ? -7.919  5.919   -8.100  1.00 0.00 ? 4  A   A P      1 
ATOM   66  O OP1    . A   A 1 3 ? -7.857  7.388   -8.523  1.00 0.00 ? 4  A   A OP1    1 
ATOM   67  O OP2    . A   A 1 3 ? -6.603  5.228   -8.458  1.00 0.00 ? 4  A   A OP2    1 
ATOM   68  O "O5'"  . A   A 1 3 ? -8.163  5.820   -6.498  1.00 0.00 ? 4  A   A "O5'"  1 
ATOM   69  C "C5'"  . A   A 1 3 ? -9.124  6.643   -5.809  1.00 0.00 ? 4  A   A "C5'"  1 
ATOM   70  C "C4'"  . A   A 1 3 ? -9.440  6.105   -4.400  1.00 0.00 ? 4  A   A "C4'"  1 
ATOM   71  O "O4'"  . A   A 1 3 ? -9.845  4.721   -4.451  1.00 0.00 ? 4  A   A "O4'"  1 
ATOM   72  C "C3'"  . A   A 1 3 ? -8.277  6.156   -3.403  1.00 0.00 ? 4  A   A "C3'"  1 
ATOM   73  O "O3'"  . A   A 1 3 ? -8.105  7.474   -2.842  1.00 0.00 ? 4  A   A "O3'"  1 
ATOM   74  C "C2'"  . A   A 1 3 ? -8.707  5.100   -2.377  1.00 0.00 ? 4  A   A "C2'"  1 
ATOM   75  O "O2'"  . A   A 1 3 ? -9.591  5.645   -1.398  1.00 0.00 ? 4  A   A "O2'"  1 
ATOM   76  C "C1'"  . A   A 1 3 ? -9.450  4.055   -3.232  1.00 0.00 ? 4  A   A "C1'"  1 
ATOM   77  N N9     . A   A 1 3 ? -8.581  2.868   -3.513  1.00 0.00 ? 4  A   A N9     1 
ATOM   78  C C8     . A   A 1 3 ? -7.738  2.586   -4.584  1.00 0.00 ? 4  A   A C8     1 
ATOM   79  N N7     . A   A 1 3 ? -6.906  1.485   -4.590  1.00 0.00 ? 4  A   A N7     1 
ATOM   80  C C5     . A   A 1 3 ? -7.263  0.979   -3.347  1.00 0.00 ? 4  A   A C5     1 
ATOM   81  C C6     . A   A 1 3 ? -6.818  -0.218  -2.661  1.00 0.00 ? 4  A   A C6     1 
ATOM   82  N N6     . A   A 1 3 ? -5.898  -1.023  -3.181  1.00 0.00 ? 4  A   A N6     1 
ATOM   83  N N1     . A   A 1 3 ? -7.332  -0.543  -1.492  1.00 0.00 ? 4  A   A N1     1 
ATOM   84  C C2     . A   A 1 3 ? -8.242  0.227   -0.932  1.00 0.00 ? 4  A   A C2     1 
ATOM   85  N N3     . A   A 1 3 ? -8.765  1.339   -1.378  1.00 0.00 ? 4  A   A N3     1 
ATOM   86  C C4     . A   A 1 3 ? -8.280  1.790   -2.685  1.00 0.00 ? 4  A   A C4     1 
ATOM   87  H "H5'"  . A   A 1 3 ? -10.061 6.698   -6.394  1.00 0.00 ? 4  A   A "H5'"  1 
ATOM   88  H "H5''" . A   A 1 3 ? -8.746  7.680   -5.746  1.00 0.00 ? 4  A   A "H5''" 1 
ATOM   89  H "H4'"  . A   A 1 3 ? -10.281 6.696   -3.989  1.00 0.00 ? 4  A   A "H4'"  1 
ATOM   90  H "H3'"  . A   A 1 3 ? -7.343  5.827   -3.905  1.00 0.00 ? 4  A   A "H3'"  1 
ATOM   91  H "H2'"  . A   A 1 3 ? -7.826  4.684   -1.857  1.00 0.00 ? 4  A   A "H2'"  1 
ATOM   92  H "HO2'" . A   A 1 3 ? -9.022  6.084   -0.758  1.00 0.00 ? 4  A   A "HO2'" 1 
ATOM   93  H "H1'"  . A   A 1 3 ? -10.361 3.708   -2.707  1.00 0.00 ? 4  A   A "H1'"  1 
ATOM   94  H H8     . A   A 1 3 ? -7.751  3.231   -5.452  1.00 0.00 ? 4  A   A H8     1 
ATOM   95  H H61    . A   A 1 3 ? -5.648  -1.855  -2.636  1.00 0.00 ? 4  A   A H61    1 
ATOM   96  H H62    . A   A 1 3 ? -5.515  -0.744  -4.091  1.00 0.00 ? 4  A   A H62    1 
ATOM   97  H H2     . A   A 1 3 ? -8.598  -0.102  0.033   1.00 0.00 ? 4  A   A H2     1 
ATOM   98  P P      . G   A 1 4 ? -6.790  7.898   -1.994  1.00 0.00 ? 5  G   A P      1 
ATOM   99  O OP1    . G   A 1 4 ? -6.785  9.416   -1.801  1.00 0.00 ? 5  G   A OP1    1 
ATOM   100 O OP2    . G   A 1 4 ? -5.531  7.474   -2.750  1.00 0.00 ? 5  G   A OP2    1 
ATOM   101 O "O5'"  . G   A 1 4 ? -6.819  7.164   -0.549  1.00 0.00 ? 5  G   A "O5'"  1 
ATOM   102 C "C5'"  . G   A 1 4 ? -7.703  7.582   0.506   1.00 0.00 ? 5  G   A "C5'"  1 
ATOM   103 C "C4'"  . G   A 1 4 ? -7.794  6.523   1.619   1.00 0.00 ? 5  G   A "C4'"  1 
ATOM   104 O "O4'"  . G   A 1 4 ? -8.105  5.218   1.087   1.00 0.00 ? 5  G   A "O4'"  1 
ATOM   105 C "C3'"  . G   A 1 4 ? -6.526  6.340   2.465   1.00 0.00 ? 5  G   A "C3'"  1 
ATOM   106 O "O3'"  . G   A 1 4 ? -6.415  7.345   3.493   1.00 0.00 ? 5  G   A "O3'"  1 
ATOM   107 C "C2'"  . G   A 1 4 ? -6.747  4.937   3.040   1.00 0.00 ? 5  G   A "C2'"  1 
ATOM   108 O "O2'"  . G   A 1 4 ? -7.605  5.003   4.178   1.00 0.00 ? 5  G   A "O2'"  1 
ATOM   109 C "C1'"  . G   A 1 4 ? -7.454  4.201   1.886   1.00 0.00 ? 5  G   A "C1'"  1 
ATOM   110 N N9     . G   A 1 4 ? -6.485  3.417   1.053   1.00 0.00 ? 5  G   A N9     1 
ATOM   111 C C8     . G   A 1 4 ? -5.826  3.759   -0.118  1.00 0.00 ? 5  G   A C8     1 
ATOM   112 N N7     . G   A 1 4 ? -4.979  2.882   -0.759  1.00 0.00 ? 5  G   A N7     1 
ATOM   113 C C5     . G   A 1 4 ? -5.084  1.849   0.154   1.00 0.00 ? 5  G   A C5     1 
ATOM   114 C C6     . G   A 1 4 ? -4.353  0.482   0.104   1.00 0.00 ? 5  G   A C6     1 
ATOM   115 O O6     . G   A 1 4 ? -3.603  0.140   -0.808  1.00 0.00 ? 5  G   A O6     1 
ATOM   116 N N1     . G   A 1 4 ? -4.591  -0.341  1.163   1.00 0.00 ? 5  G   A N1     1 
ATOM   117 C C2     . G   A 1 4 ? -5.453  0.034   2.289   1.00 0.00 ? 5  G   A C2     1 
ATOM   118 N N2     . G   A 1 4 ? -5.551  -0.820  3.384   1.00 0.00 ? 5  G   A N2     1 
ATOM   119 N N3     . G   A 1 4 ? -6.093  1.156   2.296   1.00 0.00 ? 5  G   A N3     1 
ATOM   120 C C4     . G   A 1 4 ? -5.961  2.147   1.253   1.00 0.00 ? 5  G   A C4     1 
ATOM   121 H "H5'"  . G   A 1 4 ? -8.713  7.776   0.098   1.00 0.00 ? 5  G   A "H5'"  1 
ATOM   122 H "H5''" . G   A 1 4 ? -7.358  8.547   0.921   1.00 0.00 ? 5  G   A "H5''" 1 
ATOM   123 H "H4'"  . G   A 1 4 ? -8.619  6.813   2.290   1.00 0.00 ? 5  G   A "H4'"  1 
ATOM   124 H "H3'"  . G   A 1 4 ? -5.631  6.345   1.809   1.00 0.00 ? 5  G   A "H3'"  1 
ATOM   125 H "H2'"  . G   A 1 4 ? -5.793  4.468   3.342   1.00 0.00 ? 5  G   A "H2'"  1 
ATOM   126 H "HO2'" . G   A 1 4 ? -7.374  5.832   4.607   1.00 0.00 ? 5  G   A "HO2'" 1 
ATOM   127 H "H1'"  . G   A 1 4 ? -8.221  3.509   2.286   1.00 0.00 ? 5  G   A "H1'"  1 
ATOM   128 H H8     . G   A 1 4 ? -5.959  4.759   -0.510  1.00 0.00 ? 5  G   A H8     1 
ATOM   129 H H1     . G   A 1 4 ? -4.081  -1.229  1.143   1.00 0.00 ? 5  G   A H1     1 
ATOM   130 H H21    . G   A 1 4 ? -5.015  -1.695  3.375   1.00 0.00 ? 5  G   A H21    1 
ATOM   131 H H22    . G   A 1 4 ? -6.142  -0.532  4.169   1.00 0.00 ? 5  G   A H22    1 
ATOM   132 P P      . G   A 1 5 ? -5.002  7.716   4.198   1.00 0.00 ? 6  G   A P      1 
ATOM   133 O OP1    . G   A 1 5 ? -5.198  8.946   5.088   1.00 0.00 ? 6  G   A OP1    1 
ATOM   134 O OP2    . G   A 1 5 ? -3.958  8.021   3.125   1.00 0.00 ? 6  G   A OP2    1 
ATOM   135 O "O5'"  . G   A 1 5 ? -4.500  6.465   5.098   1.00 0.00 ? 6  G   A "O5'"  1 
ATOM   136 C "C5'"  . G   A 1 5 ? -5.101  6.142   6.365   1.00 0.00 ? 6  G   A "C5'"  1 
ATOM   137 C "C4'"  . G   A 1 5 ? -4.682  4.745   6.856   1.00 0.00 ? 6  G   A "C4'"  1 
ATOM   138 O "O4'"  . G   A 1 5 ? -4.993  3.736   5.871   1.00 0.00 ? 6  G   A "O4'"  1 
ATOM   139 C "C3'"  . G   A 1 5 ? -3.188  4.576   7.166   1.00 0.00 ? 6  G   A "C3'"  1 
ATOM   140 O "O3'"  . G   A 1 5 ? -2.842  5.072   8.475   1.00 0.00 ? 6  G   A "O3'"  1 
ATOM   141 C "C2'"  . G   A 1 5 ? -3.029  3.057   7.059   1.00 0.00 ? 6  G   A "C2'"  1 
ATOM   142 O "O2'"  . G   A 1 5 ? -3.437  2.436   8.276   1.00 0.00 ? 6  G   A "O2'"  1 
ATOM   143 C "C1'"  . G   A 1 5 ? -4.000  2.686   5.922   1.00 0.00 ? 6  G   A "C1'"  1 
ATOM   144 N N9     . G   A 1 5 ? -3.290  2.553   4.608   1.00 0.00 ? 6  G   A N9     1 
ATOM   145 C C8     . G   A 1 5 ? -3.105  3.468   3.578   1.00 0.00 ? 6  G   A C8     1 
ATOM   146 N N7     . G   A 1 5 ? -2.421  3.139   2.431   1.00 0.00 ? 6  G   A N7     1 
ATOM   147 C C5     . G   A 1 5 ? -2.103  1.844   2.788   1.00 0.00 ? 6  G   A C5     1 
ATOM   148 C C6     . G   A 1 5 ? -1.294  0.823   1.951   1.00 0.00 ? 6  G   A C6     1 
ATOM   149 O O6     . G   A 1 5 ? -0.853  1.066   0.831   1.00 0.00 ? 6  G   A O6     1 
ATOM   150 N N1     . G   A 1 5 ? -1.089  -0.384  2.544   1.00 0.00 ? 6  G   A N1     1 
ATOM   151 C C2     . G   A 1 5 ? -1.573  -0.705  3.890   1.00 0.00 ? 6  G   A C2     1 
ATOM   152 N N2     . G   A 1 5 ? -1.250  -1.939  4.453   1.00 0.00 ? 6  G   A N2     1 
ATOM   153 N N3     . G   A 1 5 ? -2.272  0.145   4.568   1.00 0.00 ? 6  G   A N3     1 
ATOM   154 C C4     . G   A 1 5 ? -2.591  1.471   4.085   1.00 0.00 ? 6  G   A C4     1 
ATOM   155 H "H5'"  . G   A 1 5 ? -6.203  6.182   6.283   1.00 0.00 ? 6  G   A "H5'"  1 
ATOM   156 H "H5''" . G   A 1 5 ? -4.824  6.908   7.114   1.00 0.00 ? 6  G   A "H5''" 1 
ATOM   157 H "H4'"  . G   A 1 5 ? -5.261  4.519   7.772   1.00 0.00 ? 6  G   A "H4'"  1 
ATOM   158 H "H3'"  . G   A 1 5 ? -2.583  5.075   6.381   1.00 0.00 ? 6  G   A "H3'"  1 
ATOM   159 H "H2'"  . G   A 1 5 ? -1.980  2.777   6.849   1.00 0.00 ? 6  G   A "H2'"  1 
ATOM   160 H "HO2'" . G   A 1 5 ? -3.203  3.070   8.960   1.00 0.00 ? 6  G   A "HO2'" 1 
ATOM   161 H "H1'"  . G   A 1 5 ? -4.504  1.727   6.152   1.00 0.00 ? 6  G   A "H1'"  1 
ATOM   162 H H8     . G   A 1 5 ? -3.484  4.475   3.683   1.00 0.00 ? 6  G   A H8     1 
ATOM   163 H H1     . G   A 1 5 ? -0.531  -1.046  1.994   1.00 0.00 ? 6  G   A H1     1 
ATOM   164 H H21    . G   A 1 5 ? -0.667  -2.592  3.918   1.00 0.00 ? 6  G   A H21    1 
ATOM   165 H H22    . G   A 1 5 ? -1.591  -2.140  5.398   1.00 0.00 ? 6  G   A H22    1 
ATOM   166 P P      . A   A 1 6 ? -1.325  5.494   8.868   1.00 0.00 ? 7  A   A P      1 
ATOM   167 O OP1    . A   A 1 6 ? -1.326  6.105   10.271  1.00 0.00 ? 7  A   A OP1    1 
ATOM   168 O OP2    . A   A 1 6 ? -0.802  6.521   7.863   1.00 0.00 ? 7  A   A OP2    1 
ATOM   169 O "O5'"  . A   A 1 6 ? -0.372  4.183   8.844   1.00 0.00 ? 7  A   A "O5'"  1 
ATOM   170 C "C5'"  . A   A 1 6 ? -0.417  3.184   9.879   1.00 0.00 ? 7  A   A "C5'"  1 
ATOM   171 C "C4'"  . A   A 1 6 ? 0.279   1.881   9.451   1.00 0.00 ? 7  A   A "C4'"  1 
ATOM   172 O "O4'"  . A   A 1 6 ? -0.275  1.378   8.216   1.00 0.00 ? 7  A   A "O4'"  1 
ATOM   173 C "C3'"  . A   A 1 6 ? 1.792   1.984   9.210   1.00 0.00 ? 7  A   A "C3'"  1 
ATOM   174 O "O3'"  . A   A 1 6 ? 2.549   1.937   10.436  1.00 0.00 ? 7  A   A "O3'"  1 
ATOM   175 C "C2'"  . A   A 1 6 ? 2.032   0.759   8.323   1.00 0.00 ? 7  A   A "C2'"  1 
ATOM   176 O "O2'"  . A   A 1 6 ? 2.131   -0.417  9.124   1.00 0.00 ? 7  A   A "O2'"  1 
ATOM   177 C "C1'"  . A   A 1 6 ? 0.758   0.703   7.460   1.00 0.00 ? 7  A   A "C1'"  1 
ATOM   178 N N9     . A   A 1 6 ? 0.967   1.354   6.125   1.00 0.00 ? 7  A   A N9     1 
ATOM   179 C C8     . A   A 1 6 ? 0.691   2.646   5.687   1.00 0.00 ? 7  A   A C8     1 
ATOM   180 N N7     . A   A 1 6 ? 0.996   3.066   4.410   1.00 0.00 ? 7  A   A N7     1 
ATOM   181 C C5     . A   A 1 6 ? 1.569   1.884   3.961   1.00 0.00 ? 7  A   A C5     1 
ATOM   182 C C6     . A   A 1 6 ? 2.150   1.560   2.675   1.00 0.00 ? 7  A   A C6     1 
ATOM   183 N N6     . A   A 1 6 ? 2.177   2.442   1.681   1.00 0.00 ? 7  A   A N6     1 
ATOM   184 N N1     . A   A 1 6 ? 2.667   0.364   2.461   1.00 0.00 ? 7  A   A N1     1 
ATOM   185 C C2     . A   A 1 6 ? 2.662   -0.537  3.420   1.00 0.00 ? 7  A   A C2     1 
ATOM   186 N N3     . A   A 1 6 ? 2.179   -0.447  4.632   1.00 0.00 ? 7  A   A N3     1 
ATOM   187 C C4     . A   A 1 6 ? 1.571   0.841   4.981   1.00 0.00 ? 7  A   A C4     1 
ATOM   188 H "H5'"  . A   A 1 6 ? -1.467  2.963   10.144  1.00 0.00 ? 7  A   A "H5'"  1 
ATOM   189 H "H5''" . A   A 1 6 ? 0.050   3.583   10.800  1.00 0.00 ? 7  A   A "H5''" 1 
ATOM   190 H "H4'"  . A   A 1 6 ? 0.098   1.126   10.241  1.00 0.00 ? 7  A   A "H4'"  1 
ATOM   191 H "H3'"  . A   A 1 6 ? 2.019   2.911   8.643   1.00 0.00 ? 7  A   A "H3'"  1 
ATOM   192 H "H2'"  . A   A 1 6 ? 2.958   0.866   7.732   1.00 0.00 ? 7  A   A "H2'"  1 
ATOM   193 H "HO2'" . A   A 1 6 ? 2.570   -0.124  9.929   1.00 0.00 ? 7  A   A "HO2'" 1 
ATOM   194 H "H1'"  . A   A 1 6 ? 0.453   -0.349  7.298   1.00 0.00 ? 7  A   A "H1'"  1 
ATOM   195 H H8     . A   A 1 6 ? 0.250   3.357   6.372   1.00 0.00 ? 7  A   A H8     1 
ATOM   196 H H61    . A   A 1 6 ? 2.578   2.136   0.787   1.00 0.00 ? 7  A   A H61    1 
ATOM   197 H H62    . A   A 1 6 ? 1.756   3.357   1.881   1.00 0.00 ? 7  A   A H62    1 
ATOM   198 H H2     . A   A 1 6 ? 3.159   -1.469  3.191   1.00 0.00 ? 7  A   A H2     1 
ATOM   199 P P      . G   A 1 7 ? 4.082   2.463   10.528  1.00 0.00 ? 8  G   A P      1 
ATOM   200 O OP1    . G   A 1 7 ? 4.521   2.460   11.994  1.00 0.00 ? 8  G   A OP1    1 
ATOM   201 O OP2    . G   A 1 7 ? 4.173   3.885   9.971   1.00 0.00 ? 8  G   A OP2    1 
ATOM   202 O "O5'"  . G   A 1 7 ? 5.046   1.486   9.667   1.00 0.00 ? 8  G   A "O5'"  1 
ATOM   203 C "C5'"  . G   A 1 7 ? 5.372   0.156   10.111  1.00 0.00 ? 8  G   A "C5'"  1 
ATOM   204 C "C4'"  . G   A 1 7 ? 5.943   -0.707  8.973   1.00 0.00 ? 8  G   A "C4'"  1 
ATOM   205 O "O4'"  . G   A 1 7 ? 5.081   -0.689  7.816   1.00 0.00 ? 8  G   A "O4'"  1 
ATOM   206 C "C3'"  . G   A 1 7 ? 7.328   -0.291  8.458   1.00 0.00 ? 8  G   A "C3'"  1 
ATOM   207 O "O3'"  . G   A 1 7 ? 8.388   -0.760  9.318   1.00 0.00 ? 8  G   A "O3'"  1 
ATOM   208 C "C2'"  . G   A 1 7 ? 7.342   -0.963  7.083   1.00 0.00 ? 8  G   A "C2'"  1 
ATOM   209 O "O2'"  . G   A 1 7 ? 7.686   -2.341  7.212   1.00 0.00 ? 8  G   A "O2'"  1 
ATOM   210 C "C1'"  . G   A 1 7 ? 5.878   -0.817  6.616   1.00 0.00 ? 8  G   A "C1'"  1 
ATOM   211 N N9     . G   A 1 7 ? 5.702   0.368   5.714   1.00 0.00 ? 8  G   A N9     1 
ATOM   212 C C8     . G   A 1 7 ? 5.171   1.632   5.945   1.00 0.00 ? 8  G   A C8     1 
ATOM   213 N N7     . G   A 1 7 ? 5.070   2.571   4.942   1.00 0.00 ? 8  G   A N7     1 
ATOM   214 C C5     . G   A 1 7 ? 5.636   1.811   3.937   1.00 0.00 ? 8  G   A C5     1 
ATOM   215 C C6     . G   A 1 7 ? 5.880   2.236   2.464   1.00 0.00 ? 8  G   A C6     1 
ATOM   216 O O6     . G   A 1 7 ? 5.546   3.324   1.999   1.00 0.00 ? 8  G   A O6     1 
ATOM   217 N N1     . G   A 1 7 ? 6.512   1.310   1.692   1.00 0.00 ? 8  G   A N1     1 
ATOM   218 C C2     . G   A 1 7 ? 6.954   0.008   2.204   1.00 0.00 ? 8  G   A C2     1 
ATOM   219 N N2     . G   A 1 7 ? 7.698   -0.834  1.380   1.00 0.00 ? 8  G   A N2     1 
ATOM   220 N N3     . G   A 1 7 ? 6.698   -0.355  3.416   1.00 0.00 ? 8  G   A N3     1 
ATOM   221 C C4     . G   A 1 7 ? 6.038   0.502   4.372   1.00 0.00 ? 8  G   A C4     1 
ATOM   222 H "H5'"  . G   A 1 7 ? 4.471   -0.338  10.519  1.00 0.00 ? 8  G   A "H5'"  1 
ATOM   223 H "H5''" . G   A 1 7 ? 6.092   0.209   10.951  1.00 0.00 ? 8  G   A "H5''" 1 
ATOM   224 H "H4'"  . G   A 1 7 ? 6.004   -1.751  9.340   1.00 0.00 ? 8  G   A "H4'"  1 
ATOM   225 H "H3'"  . G   A 1 7 ? 7.369   0.812   8.343   1.00 0.00 ? 8  G   A "H3'"  1 
ATOM   226 H "H2'"  . G   A 1 7 ? 8.068   -0.482  6.404   1.00 0.00 ? 8  G   A "H2'"  1 
ATOM   227 H "HO2'" . G   A 1 7 ? 8.291   -2.370  7.960   1.00 0.00 ? 8  G   A "HO2'" 1 
ATOM   228 H "H1'"  . G   A 1 7 ? 5.555   -1.724  6.066   1.00 0.00 ? 8  G   A "H1'"  1 
ATOM   229 H H8     . G   A 1 7 ? 4.853   1.903   6.943   1.00 0.00 ? 8  G   A H8     1 
ATOM   230 H H1     . G   A 1 7 ? 6.706   1.607   0.730   1.00 0.00 ? 8  G   A H1     1 
ATOM   231 H H21    . G   A 1 7 ? 7.924   -0.519  0.429   1.00 0.00 ? 8  G   A H21    1 
ATOM   232 H H22    . G   A 1 7 ? 8.002   -1.735  1.759   1.00 0.00 ? 8  G   A H22    1 
ATOM   233 P P      . G   A 1 8 ? 9.849   -0.057  9.363   1.00 0.00 ? 9  G   A P      1 
ATOM   234 O OP1    . G   A 1 8 ? 10.636  -0.619  10.548  1.00 0.00 ? 9  G   A OP1    1 
ATOM   235 O OP2    . G   A 1 8 ? 9.691   1.455   9.527   1.00 0.00 ? 9  G   A OP2    1 
ATOM   236 O "O5'"  . G   A 1 8 ? 10.646  -0.365  7.987   1.00 0.00 ? 9  G   A "O5'"  1 
ATOM   237 C "C5'"  . G   A 1 8 ? 11.175  -1.669  7.689   1.00 0.00 ? 9  G   A "C5'"  1 
ATOM   238 C "C4'"  . G   A 1 8 ? 11.586  -1.800  6.214   1.00 0.00 ? 9  G   A "C4'"  1 
ATOM   239 O "O4'"  . G   A 1 8 ? 10.482  -1.527  5.329   1.00 0.00 ? 9  G   A "O4'"  1 
ATOM   240 C "C3'"  . G   A 1 8 ? 12.748  -0.908  5.750   1.00 0.00 ? 9  G   A "C3'"  1 
ATOM   241 O "O3'"  . G   A 1 8 ? 14.036  -1.481  6.062   1.00 0.00 ? 9  G   A "O3'"  1 
ATOM   242 C "C2'"  . G   A 1 8 ? 12.504  -0.856  4.240   1.00 0.00 ? 9  G   A "C2'"  1 
ATOM   243 O "O2'"  . G   A 1 8 ? 13.049  -2.018  3.619   1.00 0.00 ? 9  G   A "O2'"  1 
ATOM   244 C "C1'"  . G   A 1 8 ? 10.969  -0.878  4.132   1.00 0.00 ? 9  G   A "C1'"  1 
ATOM   245 N N9     . G   A 1 8 ? 10.402  0.501   4.029   1.00 0.00 ? 9  G   A N9     1 
ATOM   246 C C8     . G   A 1 8 ? 9.800   1.287   4.995   1.00 0.00 ? 9  G   A C8     1 
ATOM   247 N N7     . G   A 1 8 ? 9.223   2.500   4.690   1.00 0.00 ? 9  G   A N7     1 
ATOM   248 C C5     . G   A 1 8 ? 9.536   2.499   3.342   1.00 0.00 ? 9  G   A C5     1 
ATOM   249 C C6     . G   A 1 8 ? 9.207   3.603   2.306   1.00 0.00 ? 9  G   A C6     1 
ATOM   250 O O6     . G   A 1 8 ? 8.566   4.618   2.568   1.00 0.00 ? 9  G   A O6     1 
ATOM   251 N N1     . G   A 1 8 ? 9.693   3.384   1.054   1.00 0.00 ? 9  G   A N1     1 
ATOM   252 C C2     . G   A 1 8 ? 10.496  2.210   0.699   1.00 0.00 ? 9  G   A C2     1 
ATOM   253 N N2     . G   A 1 8 ? 11.056  2.126   -0.575  1.00 0.00 ? 9  G   A N2     1 
ATOM   254 N N3     . G   A 1 8 ? 10.718  1.270   1.556   1.00 0.00 ? 9  G   A N3     1 
ATOM   255 C C4     . G   A 1 8 ? 10.270  1.335   2.929   1.00 0.00 ? 9  G   A C4     1 
ATOM   256 H "H5'"  . G   A 1 8 ? 10.422  -2.444  7.925   1.00 0.00 ? 9  G   A "H5'"  1 
ATOM   257 H "H5''" . G   A 1 8 ? 12.041  -1.876  8.346   1.00 0.00 ? 9  G   A "H5''" 1 
ATOM   258 H "H4'"  . G   A 1 8 ? 11.867  -2.848  6.046   1.00 0.00 ? 9  G   A "H4'"  1 
ATOM   259 H "H3'"  . G   A 1 8 ? 12.645  0.106   6.190   1.00 0.00 ? 9  G   A "H3'"  1 
ATOM   260 H "H2'"  . G   A 1 8 ? 12.960  0.043   3.787   1.00 0.00 ? 9  G   A "H2'"  1 
ATOM   261 H "HO2'" . G   A 1 8 ? 13.728  -2.320  4.232   1.00 0.00 ? 9  G   A "HO2'" 1 
ATOM   262 H "H1'"  . G   A 1 8 ? 10.652  -1.463  3.247   1.00 0.00 ? 9  G   A "H1'"  1 
ATOM   263 H H8     . G   A 1 8 ? 9.816   0.922   6.014   1.00 0.00 ? 9  G   A H8     1 
ATOM   264 H H1     . G   A 1 8 ? 9.504   4.136   0.384   1.00 0.00 ? 9  G   A H1     1 
ATOM   265 H H21    . G   A 1 8 ? 10.911  2.899   -1.233  1.00 0.00 ? 9  G   A H21    1 
ATOM   266 H H22    . G   A 1 8 ? 11.609  1.295   -0.803  1.00 0.00 ? 9  G   A H22    1 
ATOM   267 P P      . A   A 1 9 ? 15.379  -0.581  6.193   1.00 0.00 ? 10 A   A P      1 
ATOM   268 O OP1    . A   A 1 9 ? 16.576  -1.495  6.466   1.00 0.00 ? 10 A   A OP1    1 
ATOM   269 O OP2    . A   A 1 9 ? 15.223  0.409   7.347   1.00 0.00 ? 10 A   A OP2    1 
ATOM   270 O "O5'"  . A   A 1 9 ? 15.632  0.242   4.822   1.00 0.00 ? 10 A   A "O5'"  1 
ATOM   271 C "C5'"  . A   A 1 9 ? 16.134  -0.372  3.620   1.00 0.00 ? 10 A   A "C5'"  1 
ATOM   272 C "C4'"  . A   A 1 9 ? 16.062  0.597   2.425   1.00 0.00 ? 10 A   A "C4'"  1 
ATOM   273 O "O4'"  . A   A 1 9 ? 14.700  0.982   2.164   1.00 0.00 ? 10 A   A "O4'"  1 
ATOM   274 C "C3'"  . A   A 1 9 ? 16.837  1.911   2.608   1.00 0.00 ? 10 A   A "C3'"  1 
ATOM   275 O "O3'"  . A   A 1 9 ? 18.219  1.771   2.289   1.00 0.00 ? 10 A   A "O3'"  1 
ATOM   276 C "C2'"  . A   A 1 9 ? 16.107  2.859   1.656   1.00 0.00 ? 10 A   A "C2'"  1 
ATOM   277 O "O2'"  . A   A 1 9 ? 16.623  2.719   0.335   1.00 0.00 ? 10 A   A "O2'"  1 
ATOM   278 C "C1'"  . A   A 1 9 ? 14.649  2.354   1.712   1.00 0.00 ? 10 A   A "C1'"  1 
ATOM   279 N N9     . A   A 1 9 ? 13.801  3.179   2.632   1.00 0.00 ? 10 A   A N9     1 
ATOM   280 C C8     . A   A 1 9 ? 13.514  3.027   3.986   1.00 0.00 ? 10 A   A C8     1 
ATOM   281 N N7     . A   A 1 9 ? 12.708  3.914   4.667   1.00 0.00 ? 10 A   A N7     1 
ATOM   282 C C5     . A   A 1 9 ? 12.432  4.764   3.603   1.00 0.00 ? 10 A   A C5     1 
ATOM   283 C C6     . A   A 1 9 ? 11.607  5.955   3.549   1.00 0.00 ? 10 A   A C6     1 
ATOM   284 N N6     . A   A 1 9 ? 10.952  6.400   4.615   1.00 0.00 ? 10 A   A N6     1 
ATOM   285 N N1     . A   A 1 9 ? 11.470  6.621   2.418   1.00 0.00 ? 10 A   A N1     1 
ATOM   286 C C2     . A   A 1 9 ? 12.082  6.200   1.331   1.00 0.00 ? 10 A   A C2     1 
ATOM   287 N N3     . A   A 1 9 ? 12.858  5.159   1.171   1.00 0.00 ? 10 A   A N3     1 
ATOM   288 C C4     . A   A 1 9 ? 13.080  4.341   2.367   1.00 0.00 ? 10 A   A C4     1 
ATOM   289 H "H5'"  . A   A 1 9 ? 15.553  -1.283  3.388   1.00 0.00 ? 10 A   A "H5'"  1 
ATOM   290 H "H5''" . A   A 1 9 ? 17.175  -0.709  3.781   1.00 0.00 ? 10 A   A "H5''" 1 
ATOM   291 H "H4'"  . A   A 1 9 ? 16.443  0.072   1.527   1.00 0.00 ? 10 A   A "H4'"  1 
ATOM   292 H "H3'"  . A   A 1 9 ? 16.724  2.285   3.645   1.00 0.00 ? 10 A   A "H3'"  1 
ATOM   293 H "HO3'" . A   A 1 9 ? 18.591  1.201   2.968   1.00 0.00 ? 10 A   A "HO3'" 1 
ATOM   294 H "H2'"  . A   A 1 9 ? 16.218  3.914   1.974   1.00 0.00 ? 10 A   A "H2'"  1 
ATOM   295 H "HO2'" . A   A 1 9 ? 17.556  2.517   0.457   1.00 0.00 ? 10 A   A "HO2'" 1 
ATOM   296 H "H1'"  . A   A 1 9 ? 14.200  2.375   0.700   1.00 0.00 ? 10 A   A "H1'"  1 
ATOM   297 H H8     . A   A 1 9 ? 13.934  2.192   4.529   1.00 0.00 ? 10 A   A H8     1 
ATOM   298 H H61    . A   A 1 9 ? 10.359  7.223   4.469   1.00 0.00 ? 10 A   A H61    1 
ATOM   299 H H62    . A   A 1 9 ? 11.040  5.841   5.472   1.00 0.00 ? 10 A   A H62    1 
ATOM   300 H H2     . A   A 1 9 ? 11.909  6.790   0.443   1.00 0.00 ? 10 A   A H2     1 
ATOM   301 O "O5'"  . DC  B 2 1 ? 8.349   8.325   -8.098  1.00 0.00 ? 1  DC  B "O5'"  1 
ATOM   302 C "C5'"  . DC  B 2 1 ? 8.763   8.653   -6.775  1.00 0.00 ? 1  DC  B "C5'"  1 
ATOM   303 C "C4'"  . DC  B 2 1 ? 9.823   7.653   -6.281  1.00 0.00 ? 1  DC  B "C4'"  1 
ATOM   304 O "O4'"  . DC  B 2 1 ? 10.238  7.986   -4.942  1.00 0.00 ? 1  DC  B "O4'"  1 
ATOM   305 C "C3'"  . DC  B 2 1 ? 9.317   6.207   -6.213  1.00 0.00 ? 1  DC  B "C3'"  1 
ATOM   306 O "O3'"  . DC  B 2 1 ? 9.475   5.554   -7.482  1.00 0.00 ? 1  DC  B "O3'"  1 
ATOM   307 C "C2'"  . DC  B 2 1 ? 10.221  5.610   -5.144  1.00 0.00 ? 1  DC  B "C2'"  1 
ATOM   308 C "C1'"  . DC  B 2 1 ? 10.453  6.778   -4.171  1.00 0.00 ? 1  DC  B "C1'"  1 
ATOM   309 N N1     . DC  B 2 1 ? 9.586   6.733   -2.950  1.00 0.00 ? 1  DC  B N1     1 
ATOM   310 C C2     . DC  B 2 1 ? 9.918   5.907   -1.881  1.00 0.00 ? 1  DC  B C2     1 
ATOM   311 O O2     . DC  B 2 1 ? 10.886  5.146   -1.936  1.00 0.00 ? 1  DC  B O2     1 
ATOM   312 N N3     . DC  B 2 1 ? 9.077   5.972   -0.677  1.00 0.00 ? 1  DC  B N3     1 
ATOM   313 C C4     . DC  B 2 1 ? 8.052   6.763   -0.593  1.00 0.00 ? 1  DC  B C4     1 
ATOM   314 N N4     . DC  B 2 1 ? 7.323   6.764   0.611   1.00 0.00 ? 1  DC  B N4     1 
ATOM   315 C C5     . DC  B 2 1 ? 7.673   7.576   -1.626  1.00 0.00 ? 1  DC  B C5     1 
ATOM   316 C C6     . DC  B 2 1 ? 8.375   7.602   -2.795  1.00 0.00 ? 1  DC  B C6     1 
ATOM   317 H "H5'"  . DC  B 2 1 ? 7.887   8.659   -6.101  1.00 0.00 ? 1  DC  B "H5'"  1 
ATOM   318 H "H5''" . DC  B 2 1 ? 9.170   9.680   -6.759  1.00 0.00 ? 1  DC  B "H5''" 1 
ATOM   319 H "H4'"  . DC  B 2 1 ? 10.708  7.706   -6.944  1.00 0.00 ? 1  DC  B "H4'"  1 
ATOM   320 H "H3'"  . DC  B 2 1 ? 8.262   6.188   -5.871  1.00 0.00 ? 1  DC  B "H3'"  1 
ATOM   321 H "H2'"  . DC  B 2 1 ? 9.786   4.711   -4.672  1.00 0.00 ? 1  DC  B "H2'"  1 
ATOM   322 H "H2''" . DC  B 2 1 ? 11.182  5.295   -5.591  1.00 0.00 ? 1  DC  B "H2''" 1 
ATOM   323 H "H1'"  . DC  B 2 1 ? 11.515  6.771   -3.855  1.00 0.00 ? 1  DC  B "H1'"  1 
ATOM   324 H H41    . DC  B 2 1 ? 7.622   6.123   1.358   1.00 0.00 ? 1  DC  B H41    1 
ATOM   325 H H42    . DC  B 2 1 ? 6.493   7.358   0.702   1.00 0.00 ? 1  DC  B H42    1 
ATOM   326 H H5     . DC  B 2 1 ? 6.798   8.221   -1.531  1.00 0.00 ? 1  DC  B H5     1 
ATOM   327 H H6     . DC  B 2 1 ? 8.054   8.251   -3.610  1.00 0.00 ? 1  DC  B H6     1 
ATOM   328 H "HO5'" . DC  B 2 1 ? 8.175   7.376   -8.103  1.00 0.00 ? 1  DC  B "HO5'" 1 
HETATM 329 P P      . 5PC B 2 2 ? 8.465   4.401   -7.994  1.00 0.00 ? 2  5PC B P      1 
HETATM 330 O OP1    . 5PC B 2 2 ? 8.765   4.082   -9.458  1.00 0.00 ? 2  5PC B OP1    1 
HETATM 331 O OP2    . 5PC B 2 2 ? 7.029   4.915   -7.867  1.00 0.00 ? 2  5PC B OP2    1 
HETATM 332 C "C5'"  . 5PC B 2 2 ? 9.859   2.288   -7.082  1.00 0.00 ? 2  5PC B "C5'"  1 
HETATM 333 O "O5'"  . 5PC B 2 2 ? 8.648   3.072   -7.092  1.00 0.00 ? 2  5PC B "O5'"  1 
HETATM 334 C "C4'"  . 5PC B 2 2 ? 9.861   1.306   -5.893  1.00 0.00 ? 2  5PC B "C4'"  1 
HETATM 335 O "O4'"  . 5PC B 2 2 ? 9.756   2.060   -4.669  1.00 0.00 ? 2  5PC B "O4'"  1 
HETATM 336 C "C3'"  . 5PC B 2 2 ? 8.694   0.301   -5.901  1.00 0.00 ? 2  5PC B "C3'"  1 
HETATM 337 O "O3'"  . 5PC B 2 2 ? 8.993   -0.976  -6.527  1.00 0.00 ? 2  5PC B "O3'"  1 
HETATM 338 C "C2'"  . 5PC B 2 2 ? 8.243   0.217   -4.447  1.00 0.00 ? 2  5PC B "C2'"  1 
HETATM 339 C "C1'"  . 5PC B 2 2 ? 8.951   1.357   -3.704  1.00 0.00 ? 2  5PC B "C1'"  1 
HETATM 340 N N1     . 5PC B 2 2 ? 7.984   2.270   -3.026  1.00 0.00 ? 2  5PC B N1     1 
HETATM 341 C C2     . 5PC B 2 2 ? 7.561   2.026   -1.731  1.00 0.00 ? 2  5PC B C2     1 
HETATM 342 O O2     . 5PC B 2 2 ? 7.982   1.059   -1.092  1.00 0.00 ? 2  5PC B O2     1 
HETATM 343 N N3     . 5PC B 2 2 ? 6.569   2.935   -1.152  1.00 0.00 ? 2  5PC B N3     1 
HETATM 344 C C4     . 5PC B 2 2 ? 6.037   3.909   -1.829  1.00 0.00 ? 2  5PC B C4     1 
HETATM 345 N N4     . 5PC B 2 2 ? 5.054   4.661   -1.131  1.00 0.00 ? 2  5PC B N4     1 
HETATM 346 C C5     . 5PC B 2 2 ? 6.404   4.178   -3.134  1.00 0.00 ? 2  5PC B C5     1 
HETATM 347 C C6     . 5PC B 2 2 ? 7.342   3.401   -3.759  1.00 0.00 ? 2  5PC B C6     1 
HETATM 348 C C7     . 5PC B 2 2 ? 5.881   5.247   -3.958  1.00 0.00 ? 2  5PC B C7     1 
HETATM 349 C C8     . 5PC B 2 2 ? 5.455   6.137   -4.649  1.00 0.00 ? 2  5PC B C8     1 
HETATM 350 C C9     . 5PC B 2 2 ? 4.966   7.169   -5.456  1.00 0.00 ? 2  5PC B C9     1 
HETATM 351 H "H5'"  . 5PC B 2 2 ? 10.741  2.952   -7.013  1.00 0.00 ? 2  5PC B "H5'"  1 
HETATM 352 H "H5''" . 5PC B 2 2 ? 9.958   1.737   -8.037  1.00 0.00 ? 2  5PC B "H5''" 1 
HETATM 353 H "H4'"  . 5PC B 2 2 ? 10.824  0.762   -5.881  1.00 0.00 ? 2  5PC B "H4'"  1 
HETATM 354 H "H3'"  . 5PC B 2 2 ? 7.850   0.745   -6.465  1.00 0.00 ? 2  5PC B "H3'"  1 
HETATM 355 H "H2'"  . 5PC B 2 2 ? 7.146   0.306   -4.414  1.00 0.00 ? 2  5PC B "H2'"  1 
HETATM 356 H "H2''" . 5PC B 2 2 ? 8.487   -0.742  -3.965  1.00 0.00 ? 2  5PC B "H2''" 1 
HETATM 357 H "H1'"  . 5PC B 2 2 ? 9.650   0.920   -2.963  1.00 0.00 ? 2  5PC B "H1'"  1 
HETATM 358 H H41    . 5PC B 2 2 ? 4.560   5.419   -1.611  1.00 0.00 ? 2  5PC B H41    1 
HETATM 359 H H42    . 5PC B 2 2 ? 4.859   4.402   -0.156  1.00 0.00 ? 2  5PC B H42    1 
HETATM 360 H H6     . 5PC B 2 2 ? 7.639   3.570   -4.796  1.00 0.00 ? 2  5PC B H6     1 
HETATM 361 H H91    . 5PC B 2 2 ? 5.152   6.948   -6.523  1.00 0.00 ? 2  5PC B H91    1 
HETATM 362 H H92    . 5PC B 2 2 ? 3.879   7.301   -5.317  1.00 0.00 ? 2  5PC B H92    1 
HETATM 363 H H93    . 5PC B 2 2 ? 5.461   8.127   -5.216  1.00 0.00 ? 2  5PC B H93    1 
HETATM 364 P P      . PDU B 2 3 ? 9.927   -2.191  -5.954  1.00 0.00 ? 3  PDU B P      1 
HETATM 365 O OP2    . PDU B 2 3 ? 10.152  -3.209  -7.074  1.00 0.00 ? 3  PDU B OP2    1 
HETATM 366 O OP1    . PDU B 2 3 ? 11.281  -1.640  -5.501  1.00 0.00 ? 3  PDU B OP1    1 
HETATM 367 O "O5'"  . PDU B 2 3 ? 9.205   -2.930  -4.703  1.00 0.00 ? 3  PDU B "O5'"  1 
HETATM 368 C "C5'"  . PDU B 2 3 ? 7.889   -3.510  -4.782  1.00 0.00 ? 3  PDU B "C5'"  1 
HETATM 369 C "C4'"  . PDU B 2 3 ? 7.370   -3.825  -3.365  1.00 0.00 ? 3  PDU B "C4'"  1 
HETATM 370 O "O4'"  . PDU B 2 3 ? 7.301   -2.614  -2.583  1.00 0.00 ? 3  PDU B "O4'"  1 
HETATM 371 C "C3'"  . PDU B 2 3 ? 5.951   -4.414  -3.327  1.00 0.00 ? 3  PDU B "C3'"  1 
HETATM 372 O "O3'"  . PDU B 2 3 ? 5.933   -5.846  -3.488  1.00 0.00 ? 3  PDU B "O3'"  1 
HETATM 373 C "C2'"  . PDU B 2 3 ? 5.481   -3.995  -1.941  1.00 0.00 ? 3  PDU B "C2'"  1 
HETATM 374 C "C1'"  . PDU B 2 3 ? 6.229   -2.701  -1.619  1.00 0.00 ? 3  PDU B "C1'"  1 
HETATM 375 N N1     . PDU B 2 3 ? 5.333   -1.505  -1.649  1.00 0.00 ? 3  PDU B N1     1 
HETATM 376 C C2     . PDU B 2 3 ? 4.666   -1.106  -0.498  1.00 0.00 ? 3  PDU B C2     1 
HETATM 377 O O2     . PDU B 2 3 ? 4.712   -1.745  0.553   1.00 0.00 ? 3  PDU B O2     1 
HETATM 378 N N3     . PDU B 2 3 ? 3.910   0.022   -0.494  1.00 0.00 ? 3  PDU B N3     1 
HETATM 379 C C4     . PDU B 2 3 ? 3.712   0.827   -1.571  1.00 0.00 ? 3  PDU B C4     1 
HETATM 380 O O4     . PDU B 2 3 ? 3.017   1.836   -1.450  1.00 0.00 ? 3  PDU B O4     1 
HETATM 381 C C5     . PDU B 2 3 ? 4.392   0.397   -2.906  1.00 0.00 ? 3  PDU B C5     1 
HETATM 382 C C5A    . PDU B 2 3 ? 4.281   1.182   -4.100  1.00 0.00 ? 3  PDU B C5A    1 
HETATM 383 C C5B    . PDU B 2 3 ? 4.198   1.845   -5.102  1.00 0.00 ? 3  PDU B C5B    1 
HETATM 384 C C5M    . PDU B 2 3 ? 4.112   2.621   -6.264  1.00 0.00 ? 3  PDU B C5M    1 
HETATM 385 C C6     . PDU B 2 3 ? 5.131   -0.742  -2.911  1.00 0.00 ? 3  PDU B C6     1 
HETATM 386 H "H5'"  . PDU B 2 3 ? 7.922   -4.429  -5.397  1.00 0.00 ? 3  PDU B "H5'"  1 
HETATM 387 H "H5''" . PDU B 2 3 ? 7.197   -2.813  -5.294  1.00 0.00 ? 3  PDU B "H5''" 1 
HETATM 388 H "H4'"  . PDU B 2 3 ? 8.074   -4.524  -2.874  1.00 0.00 ? 3  PDU B "H4'"  1 
HETATM 389 H "H3'"  . PDU B 2 3 ? 5.312   -3.932  -4.094  1.00 0.00 ? 3  PDU B "H3'"  1 
HETATM 390 H "H2''" . PDU B 2 3 ? 5.705   -4.765  -1.184  1.00 0.00 ? 3  PDU B "H2''" 1 
HETATM 391 H "H2'"  . PDU B 2 3 ? 4.393   -3.874  -1.939  1.00 0.00 ? 3  PDU B "H2'"  1 
HETATM 392 H "H1'"  . PDU B 2 3 ? 6.696   -2.797  -0.617  1.00 0.00 ? 3  PDU B "H1'"  1 
HETATM 393 H H3     . PDU B 2 3 ? 3.442   0.265   0.384   1.00 0.00 ? 3  PDU B H3     1 
HETATM 394 H H71    . PDU B 2 3 ? 3.438   3.483   -6.114  1.00 0.00 ? 3  PDU B H71    1 
HETATM 395 H H72    . PDU B 2 3 ? 5.105   3.016   -6.550  1.00 0.00 ? 3  PDU B H72    1 
HETATM 396 H H73    . PDU B 2 3 ? 3.725   2.026   -7.112  1.00 0.00 ? 3  PDU B H73    1 
HETATM 397 H H6     . PDU B 2 3 ? 5.595   -1.114  -3.826  1.00 0.00 ? 3  PDU B H6     1 
HETATM 398 P P      . 5PC B 2 4 ? 4.557   -6.721  -3.500  1.00 0.00 ? 4  5PC B P      1 
HETATM 399 O OP1    . 5PC B 2 4 ? 4.850   -8.116  -4.053  1.00 0.00 ? 4  5PC B OP1    1 
HETATM 400 O OP2    . 5PC B 2 4 ? 3.519   -6.030  -4.387  1.00 0.00 ? 4  5PC B OP2    1 
HETATM 401 C "C5'"  . 5PC B 2 4 ? 4.709   -7.458  -0.918  1.00 0.00 ? 4  5PC B "C5'"  1 
HETATM 402 O "O5'"  . 5PC B 2 4 ? 3.965   -6.852  -1.994  1.00 0.00 ? 4  5PC B "O5'"  1 
HETATM 403 C "C4'"  . 5PC B 2 4 ? 4.047   -7.210  0.456   1.00 0.00 ? 4  5PC B "C4'"  1 
HETATM 404 O "O4'"  . 5PC B 2 4 ? 3.787   -5.799  0.640   1.00 0.00 ? 4  5PC B "O4'"  1 
HETATM 405 C "C3'"  . 5PC B 2 4 ? 2.717   -7.959  0.680   1.00 0.00 ? 4  5PC B "C3'"  1 
HETATM 406 O "O3'"  . 5PC B 2 4 ? 2.715   -8.564  1.990   1.00 0.00 ? 4  5PC B "O3'"  1 
HETATM 407 C "C2'"  . 5PC B 2 4 ? 1.673   -6.850  0.588   1.00 0.00 ? 4  5PC B "C2'"  1 
HETATM 408 C "C1'"  . 5PC B 2 4 ? 2.421   -5.597  1.056   1.00 0.00 ? 4  5PC B "C1'"  1 
HETATM 409 N N1     . 5PC B 2 4 ? 1.867   -4.338  0.478   1.00 0.00 ? 4  5PC B N1     1 
HETATM 410 C C2     . 5PC B 2 4 ? 1.243   -3.382  1.264   1.00 0.00 ? 4  5PC B C2     1 
HETATM 411 O O2     . 5PC B 2 4 ? 1.078   -3.547  2.473   1.00 0.00 ? 4  5PC B O2     1 
HETATM 412 N N3     . 5PC B 2 4 ? 0.775   -2.156  0.600   1.00 0.00 ? 4  5PC B N3     1 
HETATM 413 C C4     . 5PC B 2 4 ? 0.934   -1.947  -0.674  1.00 0.00 ? 4  5PC B C4     1 
HETATM 414 N N4     . 5PC B 2 4 ? 0.434   -0.710  -1.161  1.00 0.00 ? 4  5PC B N4     1 
HETATM 415 C C5     . 5PC B 2 4 ? 1.552   -2.872  -1.495  1.00 0.00 ? 4  5PC B C5     1 
HETATM 416 C C6     . 5PC B 2 4 ? 2.001   -4.055  -0.978  1.00 0.00 ? 4  5PC B C6     1 
HETATM 417 C C7     . 5PC B 2 4 ? 1.801   -2.709  -2.912  1.00 0.00 ? 4  5PC B C7     1 
HETATM 418 C C8     . 5PC B 2 4 ? 2.019   -2.574  -4.089  1.00 0.00 ? 4  5PC B C8     1 
HETATM 419 C C9     . 5PC B 2 4 ? 2.281   -2.421  -5.453  1.00 0.00 ? 4  5PC B C9     1 
HETATM 420 H "H5'"  . 5PC B 2 4 ? 5.739   -7.051  -0.902  1.00 0.00 ? 4  5PC B "H5'"  1 
HETATM 421 H "H5''" . 5PC B 2 4 ? 4.823   -8.542  -1.105  1.00 0.00 ? 4  5PC B "H5''" 1 
HETATM 422 H "H4'"  . 5PC B 2 4 ? 4.770   -7.534  1.229   1.00 0.00 ? 4  5PC B "H4'"  1 
HETATM 423 H "H3'"  . 5PC B 2 4 ? 2.541   -8.738  -0.089  1.00 0.00 ? 4  5PC B "H3'"  1 
HETATM 424 H "H2'"  . 5PC B 2 4 ? 1.340   -6.759  -0.464  1.00 0.00 ? 4  5PC B "H2'"  1 
HETATM 425 H "H2''" . 5PC B 2 4 ? 0.775   -7.048  1.194   1.00 0.00 ? 4  5PC B "H2''" 1 
HETATM 426 H "H1'"  . 5PC B 2 4 ? 2.412   -5.575  2.166   1.00 0.00 ? 4  5PC B "H1'"  1 
HETATM 427 H H41    . 5PC B 2 4 ? 0.518   -0.491  -2.159  1.00 0.00 ? 4  5PC B H41    1 
HETATM 428 H H42    . 5PC B 2 4 ? -0.022  -0.069  -0.497  1.00 0.00 ? 4  5PC B H42    1 
HETATM 429 H H6     . 5PC B 2 4 ? 2.474   -4.821  -1.601  1.00 0.00 ? 4  5PC B H6     1 
HETATM 430 H H91    . 5PC B 2 4 ? 2.875   -1.508  -5.642  1.00 0.00 ? 4  5PC B H91    1 
HETATM 431 H H92    . 5PC B 2 4 ? 2.852   -3.285  -5.838  1.00 0.00 ? 4  5PC B H92    1 
HETATM 432 H H93    . 5PC B 2 4 ? 1.342   -2.345  -6.031  1.00 0.00 ? 4  5PC B H93    1 
HETATM 433 P P      . 5PC B 2 5 ? 1.595   -9.635  2.473   1.00 0.00 ? 5  5PC B P      1 
HETATM 434 O OP1    . 5PC B 2 5 ? 2.123   -10.401 3.688   1.00 0.00 ? 5  5PC B OP1    1 
HETATM 435 O OP2    . 5PC B 2 5 ? 1.305   -10.622 1.341   1.00 0.00 ? 5  5PC B OP2    1 
HETATM 436 C "C5'"  . 5PC B 2 5 ? 0.114   -8.096  4.092   1.00 0.00 ? 5  5PC B "C5'"  1 
HETATM 437 O "O5'"  . 5PC B 2 5 ? 0.235   -8.849  2.870   1.00 0.00 ? 5  5PC B "O5'"  1 
HETATM 438 C "C4'"  . 5PC B 2 5 ? -1.093  -7.139  4.073   1.00 0.00 ? 5  5PC B "C4'"  1 
HETATM 439 O "O4'"  . 5PC B 2 5 ? -0.904  -6.091  3.104   1.00 0.00 ? 5  5PC B "O4'"  1 
HETATM 440 C "C3'"  . 5PC B 2 5 ? -2.447  -7.779  3.725   1.00 0.00 ? 5  5PC B "C3'"  1 
HETATM 441 O "O3'"  . 5PC B 2 5 ? -3.128  -8.255  4.903   1.00 0.00 ? 5  5PC B "O3'"  1 
HETATM 442 C "C2'"  . 5PC B 2 5 ? -3.200  -6.640  3.034   1.00 0.00 ? 5  5PC B "C2'"  1 
HETATM 443 C "C1'"  . 5PC B 2 5 ? -2.194  -5.497  2.871   1.00 0.00 ? 5  5PC B "C1'"  1 
HETATM 444 N N1     . 5PC B 2 5 ? -2.276  -4.814  1.547   1.00 0.00 ? 5  5PC B N1     1 
HETATM 445 C C2     . 5PC B 2 5 ? -2.914  -3.592  1.410   1.00 0.00 ? 5  5PC B C2     1 
HETATM 446 O O2     . 5PC B 2 5 ? -3.477  -3.050  2.362   1.00 0.00 ? 5  5PC B O2     1 
HETATM 447 N N3     . 5PC B 2 5 ? -2.917  -2.970  0.083   1.00 0.00 ? 5  5PC B N3     1 
HETATM 448 C C4     . 5PC B 2 5 ? -2.377  -3.534  -0.954  1.00 0.00 ? 5  5PC B C4     1 
HETATM 449 N N4     . 5PC B 2 5 ? -2.471  -2.789  -2.162  1.00 0.00 ? 5  5PC B N4     1 
HETATM 450 C C5     . 5PC B 2 5 ? -1.753  -4.766  -0.875  1.00 0.00 ? 5  5PC B C5     1 
HETATM 451 C C6     . 5PC B 2 5 ? -1.695  -5.432  0.320   1.00 0.00 ? 5  5PC B C6     1 
HETATM 452 C C7     . 5PC B 2 5 ? -1.099  -5.443  -1.975  1.00 0.00 ? 5  5PC B C7     1 
HETATM 453 C C8     . 5PC B 2 5 ? -0.543  -6.002  -2.887  1.00 0.00 ? 5  5PC B C8     1 
HETATM 454 C C9     . 5PC B 2 5 ? 0.113   -6.647  -3.941  1.00 0.00 ? 5  5PC B C9     1 
HETATM 455 H "H5'"  . 5PC B 2 5 ? 1.039   -7.514  4.274   1.00 0.00 ? 5  5PC B "H5'"  1 
HETATM 456 H "H5''" . 5PC B 2 5 ? 0.023   -8.798  4.943   1.00 0.00 ? 5  5PC B "H5''" 1 
HETATM 457 H "H4'"  . 5PC B 2 5 ? -1.163  -6.671  5.075   1.00 0.00 ? 5  5PC B "H4'"  1 
HETATM 458 H "H3'"  . 5PC B 2 5 ? -2.307  -8.612  3.007   1.00 0.00 ? 5  5PC B "H3'"  1 
HETATM 459 H "H2'"  . 5PC B 2 5 ? -3.593  -7.006  2.070   1.00 0.00 ? 5  5PC B "H2'"  1 
HETATM 460 H "H2''" . 5PC B 2 5 ? -4.066  -6.292  3.623   1.00 0.00 ? 5  5PC B "H2''" 1 
HETATM 461 H "H1'"  . 5PC B 2 5 ? -2.372  -4.773  3.692   1.00 0.00 ? 5  5PC B "H1'"  1 
HETATM 462 H H41    . 5PC B 2 5 ? -2.073  -3.174  -3.024  1.00 0.00 ? 5  5PC B H41    1 
HETATM 463 H H42    . 5PC B 2 5 ? -2.911  -1.861  -2.121  1.00 0.00 ? 5  5PC B H42    1 
HETATM 464 H H6     . 5PC B 2 5 ? -1.232  -6.417  0.414   1.00 0.00 ? 5  5PC B H6     1 
HETATM 465 H H91    . 5PC B 2 5 ? 0.641   -5.917  -4.581  1.00 0.00 ? 5  5PC B H91    1 
HETATM 466 H H92    . 5PC B 2 5 ? 0.870   -7.356  -3.558  1.00 0.00 ? 5  5PC B H92    1 
HETATM 467 H H93    . 5PC B 2 5 ? -0.598  -7.209  -4.572  1.00 0.00 ? 5  5PC B H93    1 
HETATM 468 P P      . PDU B 2 6 ? -4.573  -9.002  4.849   1.00 0.00 ? 6  PDU B P      1 
HETATM 469 O OP2    . PDU B 2 6 ? -4.616  -9.963  3.659   1.00 0.00 ? 6  PDU B OP2    1 
HETATM 470 O OP1    . PDU B 2 6 ? -4.783  -9.789  6.146   1.00 0.00 ? 6  PDU B OP1    1 
HETATM 471 O "O5'"  . PDU B 2 6 ? -5.747  -7.896  4.689   1.00 0.00 ? 6  PDU B "O5'"  1 
HETATM 472 C "C5'"  . PDU B 2 6 ? -6.110  -7.010  5.765   1.00 0.00 ? 6  PDU B "C5'"  1 
HETATM 473 C "C4'"  . PDU B 2 6 ? -6.966  -5.824  5.283   1.00 0.00 ? 6  PDU B "C4'"  1 
HETATM 474 O "O4'"  . PDU B 2 6 ? -6.237  -5.011  4.342   1.00 0.00 ? 6  PDU B "O4'"  1 
HETATM 475 C "C3'"  . PDU B 2 6 ? -8.269  -6.199  4.567   1.00 0.00 ? 6  PDU B "C3'"  1 
HETATM 476 O "O3'"  . PDU B 2 6 ? -9.331  -6.512  5.488   1.00 0.00 ? 6  PDU B "O3'"  1 
HETATM 477 C "C2'"  . PDU B 2 6 ? -8.550  -4.924  3.779   1.00 0.00 ? 6  PDU B "C2'"  1 
HETATM 478 C "C1'"  . PDU B 2 6 ? -7.174  -4.304  3.499   1.00 0.00 ? 6  PDU B "C1'"  1 
HETATM 479 N N1     . PDU B 2 6 ? -6.797  -4.360  2.054   1.00 0.00 ? 6  PDU B N1     1 
HETATM 480 C C2     . PDU B 2 6 ? -7.104  -3.297  1.216   1.00 0.00 ? 6  PDU B C2     1 
HETATM 481 O O2     . PDU B 2 6 ? -7.734  -2.308  1.592   1.00 0.00 ? 6  PDU B O2     1 
HETATM 482 N N3     . PDU B 2 6 ? -6.727  -3.315  -0.089  1.00 0.00 ? 6  PDU B N3     1 
HETATM 483 C C4     . PDU B 2 6 ? -6.079  -4.340  -0.698  1.00 0.00 ? 6  PDU B C4     1 
HETATM 484 O O4     . PDU B 2 6 ? -5.778  -4.239  -1.886  1.00 0.00 ? 6  PDU B O4     1 
HETATM 485 C C5     . PDU B 2 6 ? -5.754  -5.584  0.182   1.00 0.00 ? 6  PDU B C5     1 
HETATM 486 C C5A    . PDU B 2 6 ? -5.067  -6.716  -0.365  1.00 0.00 ? 6  PDU B C5A    1 
HETATM 487 C C5B    . PDU B 2 6 ? -4.480  -7.665  -0.820  1.00 0.00 ? 6  PDU B C5B    1 
HETATM 488 C C5M    . PDU B 2 6 ? -3.791  -8.764  -1.343  1.00 0.00 ? 6  PDU B C5M    1 
HETATM 489 C C6     . PDU B 2 6 ? -6.117  -5.561  1.490   1.00 0.00 ? 6  PDU B C6     1 
HETATM 490 H "H5'"  . PDU B 2 6 ? -5.197  -6.621  6.258   1.00 0.00 ? 6  PDU B "H5'"  1 
HETATM 491 H "H5''" . PDU B 2 6 ? -6.656  -7.580  6.541   1.00 0.00 ? 6  PDU B "H5''" 1 
HETATM 492 H "H4'"  . PDU B 2 6 ? -7.209  -5.200  6.165   1.00 0.00 ? 6  PDU B "H4'"  1 
HETATM 493 H "H3'"  . PDU B 2 6 ? -8.094  -7.043  3.868   1.00 0.00 ? 6  PDU B "H3'"  1 
HETATM 494 H "H2''" . PDU B 2 6 ? -9.170  -4.223  4.369   1.00 0.00 ? 6  PDU B "H2''" 1 
HETATM 495 H "H2'"  . PDU B 2 6 ? -9.124  -5.154  2.870   1.00 0.00 ? 6  PDU B "H2'"  1 
HETATM 496 H "H1'"  . PDU B 2 6 ? -7.186  -3.251  3.846   1.00 0.00 ? 6  PDU B "H1'"  1 
HETATM 497 H H3     . PDU B 2 6 ? -6.957  -2.491  -0.655  1.00 0.00 ? 6  PDU B H3     1 
HETATM 498 H H71    . PDU B 2 6 ? -2.945  -8.435  -1.972  1.00 0.00 ? 6  PDU B H71    1 
HETATM 499 H H72    . PDU B 2 6 ? -3.384  -9.394  -0.532  1.00 0.00 ? 6  PDU B H72    1 
HETATM 500 H H73    . PDU B 2 6 ? -4.457  -9.391  -1.963  1.00 0.00 ? 6  PDU B H73    1 
HETATM 501 H H6     . PDU B 2 6 ? -5.913  -6.409  2.149   1.00 0.00 ? 6  PDU B H6     1 
HETATM 502 P P      . PDU B 2 7 ? -10.791 -7.029  4.997   1.00 0.00 ? 7  PDU B P      1 
HETATM 503 O OP2    . PDU B 2 7 ? -10.628 -8.160  3.980   1.00 0.00 ? 7  PDU B OP2    1 
HETATM 504 O OP1    . PDU B 2 7 ? -11.585 -7.538  6.203   1.00 0.00 ? 7  PDU B OP1    1 
HETATM 505 O "O5'"  . PDU B 2 7 ? -11.598 -5.807  4.304   1.00 0.00 ? 7  PDU B "O5'"  1 
HETATM 506 C "C5'"  . PDU B 2 7 ? -12.095 -4.684  5.055   1.00 0.00 ? 7  PDU B "C5'"  1 
HETATM 507 C "C4'"  . PDU B 2 7 ? -12.646 -3.581  4.131   1.00 0.00 ? 7  PDU B "C4'"  1 
HETATM 508 O "O4'"  . PDU B 2 7 ? -11.597 -3.029  3.312   1.00 0.00 ? 7  PDU B "O4'"  1 
HETATM 509 C "C3'"  . PDU B 2 7 ? -13.739 -4.032  3.151   1.00 0.00 ? 7  PDU B "C3'"  1 
HETATM 510 O "O3'"  . PDU B 2 7 ? -15.028 -4.035  3.750   1.00 0.00 ? 7  PDU B "O3'"  1 
HETATM 511 C "C2'"  . PDU B 2 7 ? -13.632 -2.970  2.061   1.00 0.00 ? 7  PDU B "C2'"  1 
HETATM 512 C "C1'"  . PDU B 2 7 ? -12.139 -2.608  2.038   1.00 0.00 ? 7  PDU B "C1'"  1 
HETATM 513 N N1     . PDU B 2 7 ? -11.381 -3.217  0.900   1.00 0.00 ? 7  PDU B N1     1 
HETATM 514 C C2     . PDU B 2 7 ? -11.060 -2.455  -0.216  1.00 0.00 ? 7  PDU B C2     1 
HETATM 515 O O2     . PDU B 2 7 ? -11.417 -1.285  -0.354  1.00 0.00 ? 7  PDU B O2     1 
HETATM 516 N N3     . PDU B 2 7 ? -10.323 -2.988  -1.226  1.00 0.00 ? 7  PDU B N3     1 
HETATM 517 C C4     . PDU B 2 7 ? -9.835  -4.256  -1.250  1.00 0.00 ? 7  PDU B C4     1 
HETATM 518 O O4     . PDU B 2 7 ? -9.184  -4.633  -2.223  1.00 0.00 ? 7  PDU B O4     1 
HETATM 519 C C5     . PDU B 2 7 ? -10.136 -5.146  -0.008  1.00 0.00 ? 7  PDU B C5     1 
HETATM 520 C C5A    . PDU B 2 7 ? -9.579  -6.459  0.137   1.00 0.00 ? 7  PDU B C5A    1 
HETATM 521 C C5B    . PDU B 2 7 ? -9.105  -7.559  0.270   1.00 0.00 ? 7  PDU B C5B    1 
HETATM 522 C C5M    . PDU B 2 7 ? -8.549  -8.832  0.432   1.00 0.00 ? 7  PDU B C5M    1 
HETATM 523 C C6     . PDU B 2 7 ? -10.911 -4.630  0.979   1.00 0.00 ? 7  PDU B C6     1 
HETATM 524 H "H5'"  . PDU B 2 7 ? -11.289 -4.267  5.687   1.00 0.00 ? 7  PDU B "H5'"  1 
HETATM 525 H "H5''" . PDU B 2 7 ? -12.883 -5.027  5.752   1.00 0.00 ? 7  PDU B "H5''" 1 
HETATM 526 H "H4'"  . PDU B 2 7 ? -13.042 -2.765  4.768   1.00 0.00 ? 7  PDU B "H4'"  1 
HETATM 527 H "H3'"  . PDU B 2 7 ? -13.508 -5.028  2.726   1.00 0.00 ? 7  PDU B "H3'"  1 
HETATM 528 H H2     . PDU B 2 7 ? -15.016 -4.744  4.400   1.00 0.00 ? 7  PDU B H2     1 
HETATM 529 H "H2''" . PDU B 2 7 ? -14.228 -2.080  2.336   1.00 0.00 ? 7  PDU B "H2''" 1 
HETATM 530 H "H2'"  . PDU B 2 7 ? -14.006 -3.306  1.080   1.00 0.00 ? 7  PDU B "H2'"  1 
HETATM 531 H "H1'"  . PDU B 2 7 ? -12.076 -1.505  1.995   1.00 0.00 ? 7  PDU B "H1'"  1 
HETATM 532 H H3     . PDU B 2 7 ? -10.128 -2.387  -2.033  1.00 0.00 ? 7  PDU B H3     1 
HETATM 533 H H71    . PDU B 2 7 ? -8.868  -9.513  -0.377  1.00 0.00 ? 7  PDU B H71    1 
HETATM 534 H H72    . PDU B 2 7 ? -7.444  -8.784  0.426   1.00 0.00 ? 7  PDU B H72    1 
HETATM 535 H H73    . PDU B 2 7 ? -8.862  -9.274  1.397   1.00 0.00 ? 7  PDU B H73    1 
HETATM 536 H H6     . PDU B 2 7 ? -11.176 -5.227  1.855   1.00 0.00 ? 7  PDU B H6     1 
# 
